data_6JIT
#
_entry.id   6JIT
#
_cell.length_a   106.598
_cell.length_b   106.598
_cell.length_c   168.343
_cell.angle_alpha   90.00
_cell.angle_beta   90.00
_cell.angle_gamma   120.00
#
_symmetry.space_group_name_H-M   'P 31 1 2'
#
loop_
_entity.id
_entity.type
_entity.pdbx_description
1 polymer '6-phosphogluconate dehydrogenase NAD-binding protein'
2 non-polymer 'CHLORIDE ION'
3 non-polymer 1-(2-phenylethyl)-3,4-dihydroisoquinoline
4 non-polymer 'NADP NICOTINAMIDE-ADENINE-DINUCLEOTIDE PHOSPHATE'
5 water water
#
_entity_poly.entity_id   1
_entity_poly.type   'polypeptide(L)'
_entity_poly.pdbx_seq_one_letter_code
;MNSKKSPVTLIGLGPMGQAMVRTLLGQGHPVTVWNRTPSRAEPLVVEGARLAASPTEAVASSDLVILSLTDYQAMYDILS
TAESALAGRTIVNLSSDDPDVTREAAKWAAKHGATFIAGGVMIPAPTVGTEAAYVFYSGPKSAFDAHEPVLRHIGGPRFL
GEDTGLAQLYYLAHLDVLLTTLASVVHATALVSAAGVDEAAFAPEAIRMVIETGQMLAAEAETGLELARNLASGNHPGEL
ATAVMMGATADHIVSAAKGSGVDLVLPEAVKSLYDRTVAAGHGKDSWTAMYEIIKKKAA
;
_entity_poly.pdbx_strand_id   A,B,C
#
# COMPACT_ATOMS: atom_id res chain seq x y z
N LYS A 4 4.44 -17.28 30.42
CA LYS A 4 3.64 -17.65 29.26
C LYS A 4 3.14 -16.41 28.54
N LYS A 5 2.98 -15.31 29.27
CA LYS A 5 2.60 -14.04 28.68
C LYS A 5 3.77 -13.44 27.92
N SER A 6 3.45 -12.70 26.86
CA SER A 6 4.50 -12.19 25.98
C SER A 6 5.32 -11.11 26.68
N PRO A 7 6.63 -11.10 26.49
CA PRO A 7 7.46 -10.08 27.13
C PRO A 7 7.26 -8.71 26.48
N VAL A 8 7.48 -7.67 27.27
CA VAL A 8 7.35 -6.30 26.82
C VAL A 8 8.57 -5.52 27.27
N THR A 9 9.08 -4.65 26.40
CA THR A 9 10.10 -3.68 26.73
C THR A 9 9.47 -2.30 26.76
N LEU A 10 9.79 -1.53 27.80
CA LEU A 10 9.30 -0.16 27.93
C LEU A 10 10.46 0.74 28.30
N ILE A 11 10.70 1.77 27.48
CA ILE A 11 11.77 2.72 27.68
C ILE A 11 11.16 4.08 27.94
N GLY A 12 11.61 4.75 29.01
CA GLY A 12 11.03 6.02 29.41
C GLY A 12 10.19 5.86 30.64
N LEU A 13 10.77 6.14 31.81
CA LEU A 13 10.16 5.80 33.08
C LEU A 13 9.69 7.03 33.84
N GLY A 14 9.10 7.98 33.12
CA GLY A 14 8.36 9.06 33.73
C GLY A 14 7.04 8.56 34.27
N PRO A 15 6.20 9.47 34.77
CA PRO A 15 4.93 9.04 35.39
C PRO A 15 4.09 8.09 34.54
N MET A 16 3.96 8.36 33.23
CA MET A 16 3.14 7.49 32.39
C MET A 16 3.76 6.11 32.27
N GLY A 17 5.07 6.04 32.04
CA GLY A 17 5.73 4.75 31.93
C GLY A 17 5.65 3.95 33.21
N GLN A 18 5.77 4.63 34.36
CA GLN A 18 5.68 3.92 35.64
CA GLN A 18 5.67 3.94 35.65
C GLN A 18 4.33 3.22 35.80
N ALA A 19 3.24 3.91 35.43
CA ALA A 19 1.92 3.31 35.58
C ALA A 19 1.71 2.17 34.59
N MET A 20 2.23 2.31 33.37
CA MET A 20 2.07 1.25 32.38
C MET A 20 2.86 0.01 32.78
N VAL A 21 4.06 0.18 33.34
CA VAL A 21 4.84 -0.98 33.78
C VAL A 21 4.14 -1.70 34.91
N ARG A 22 3.66 -0.95 35.91
CA ARG A 22 2.94 -1.58 37.02
CA ARG A 22 2.95 -1.59 37.02
C ARG A 22 1.71 -2.33 36.51
N THR A 23 0.98 -1.73 35.57
CA THR A 23 -0.20 -2.40 35.02
C THR A 23 0.17 -3.70 34.32
N LEU A 24 1.19 -3.64 33.45
CA LEU A 24 1.57 -4.81 32.67
C LEU A 24 2.12 -5.93 33.55
N LEU A 25 2.89 -5.57 34.59
CA LEU A 25 3.38 -6.58 35.52
C LEU A 25 2.23 -7.27 36.24
N GLY A 26 1.24 -6.50 36.67
CA GLY A 26 0.09 -7.08 37.34
C GLY A 26 -0.71 -8.03 36.48
N GLN A 27 -0.61 -7.90 35.16
CA GLN A 27 -1.25 -8.80 34.23
C GLN A 27 -0.38 -9.98 33.83
N GLY A 28 0.78 -10.14 34.46
CA GLY A 28 1.62 -11.29 34.23
C GLY A 28 2.66 -11.16 33.15
N HIS A 29 2.76 -10.00 32.51
CA HIS A 29 3.75 -9.83 31.44
C HIS A 29 5.13 -9.58 32.05
N PRO A 30 6.16 -10.29 31.59
CA PRO A 30 7.53 -9.87 31.92
C PRO A 30 7.82 -8.53 31.27
N VAL A 31 8.32 -7.58 32.05
CA VAL A 31 8.60 -6.24 31.56
C VAL A 31 10.08 -5.94 31.78
N THR A 32 10.78 -5.63 30.69
CA THR A 32 12.14 -5.14 30.72
C THR A 32 12.11 -3.63 30.53
N VAL A 33 12.78 -2.90 31.41
CA VAL A 33 12.75 -1.44 31.39
C VAL A 33 14.14 -0.89 31.17
N TRP A 34 14.19 0.34 30.68
CA TRP A 34 15.42 1.11 30.59
C TRP A 34 15.07 2.59 30.64
N ASN A 35 15.97 3.38 31.23
CA ASN A 35 15.75 4.80 31.38
C ASN A 35 17.10 5.52 31.38
N ARG A 36 17.08 6.77 30.92
CA ARG A 36 18.32 7.56 30.91
C ARG A 36 18.90 7.70 32.31
N THR A 37 18.04 7.86 33.32
CA THR A 37 18.46 7.81 34.71
C THR A 37 17.96 6.50 35.32
N PRO A 38 18.83 5.51 35.55
CA PRO A 38 18.37 4.21 36.03
C PRO A 38 17.75 4.24 37.42
N SER A 39 17.85 5.36 38.15
CA SER A 39 17.30 5.42 39.50
C SER A 39 15.79 5.26 39.49
N ARG A 40 15.11 5.82 38.48
CA ARG A 40 13.66 5.71 38.41
CA ARG A 40 13.66 5.71 38.42
C ARG A 40 13.18 4.30 38.12
N ALA A 41 14.07 3.41 37.68
CA ALA A 41 13.71 2.01 37.46
C ALA A 41 13.63 1.21 38.76
N GLU A 42 14.30 1.68 39.82
CA GLU A 42 14.35 0.91 41.06
C GLU A 42 12.98 0.54 41.60
N PRO A 43 12.01 1.45 41.71
CA PRO A 43 10.68 1.02 42.18
C PRO A 43 10.03 -0.02 41.29
N LEU A 44 10.27 0.04 39.98
CA LEU A 44 9.68 -0.94 39.07
C LEU A 44 10.37 -2.29 39.17
N VAL A 45 11.66 -2.31 39.50
CA VAL A 45 12.38 -3.57 39.65
C VAL A 45 11.85 -4.34 40.85
N VAL A 46 11.60 -3.66 41.97
CA VAL A 46 11.07 -4.37 43.12
C VAL A 46 9.64 -4.83 42.88
N GLU A 47 8.94 -4.24 41.91
CA GLU A 47 7.61 -4.72 41.53
C GLU A 47 7.65 -5.89 40.56
N GLY A 48 8.82 -6.22 40.01
CA GLY A 48 8.95 -7.39 39.16
C GLY A 48 9.62 -7.14 37.83
N ALA A 49 9.82 -5.88 37.47
CA ALA A 49 10.45 -5.58 36.19
C ALA A 49 11.94 -5.87 36.25
N ARG A 50 12.53 -6.10 35.08
CA ARG A 50 13.96 -6.31 34.96
C ARG A 50 14.60 -5.08 34.33
N LEU A 51 15.65 -4.57 34.98
CA LEU A 51 16.40 -3.44 34.43
C LEU A 51 17.36 -3.93 33.37
N ALA A 52 17.21 -3.41 32.16
CA ALA A 52 18.10 -3.78 31.07
C ALA A 52 19.46 -3.12 31.27
N ALA A 53 20.51 -3.80 30.79
CA ALA A 53 21.86 -3.27 30.94
C ALA A 53 22.10 -2.08 30.01
N SER A 54 21.38 -2.00 28.90
CA SER A 54 21.60 -0.98 27.90
C SER A 54 20.36 -0.88 27.03
N PRO A 55 20.26 0.16 26.20
CA PRO A 55 19.13 0.21 25.24
C PRO A 55 19.12 -0.98 24.29
N THR A 56 20.29 -1.44 23.85
CA THR A 56 20.33 -2.58 22.93
C THR A 56 19.75 -3.83 23.58
N GLU A 57 20.14 -4.12 24.83
CA GLU A 57 19.63 -5.29 25.54
CA GLU A 57 19.61 -5.30 25.48
C GLU A 57 18.14 -5.15 25.85
N ALA A 58 17.69 -3.90 26.07
CA ALA A 58 16.26 -3.69 26.28
C ALA A 58 15.48 -4.03 25.02
N VAL A 59 15.92 -3.52 23.88
CA VAL A 59 15.27 -3.80 22.61
C VAL A 59 15.29 -5.29 22.29
N ALA A 60 16.44 -5.94 22.53
CA ALA A 60 16.59 -7.36 22.22
C ALA A 60 15.78 -8.25 23.14
N SER A 61 15.25 -7.73 24.24
CA SER A 61 14.52 -8.54 25.21
C SER A 61 13.08 -8.82 24.79
N SER A 62 12.53 -8.09 23.81
CA SER A 62 11.12 -8.26 23.47
C SER A 62 10.91 -7.98 21.99
N ASP A 63 9.80 -8.48 21.47
CA ASP A 63 9.33 -8.13 20.13
C ASP A 63 8.54 -6.82 20.13
N LEU A 64 8.14 -6.33 21.30
CA LEU A 64 7.33 -5.12 21.44
C LEU A 64 8.10 -4.13 22.30
N VAL A 65 8.46 -3.00 21.71
CA VAL A 65 9.20 -1.96 22.40
C VAL A 65 8.30 -0.73 22.48
N ILE A 66 7.92 -0.36 23.70
CA ILE A 66 7.07 0.80 23.94
C ILE A 66 7.94 1.94 24.41
N LEU A 67 7.76 3.13 23.82
CA LEU A 67 8.56 4.30 24.14
C LEU A 67 7.65 5.38 24.72
N SER A 68 8.03 5.92 25.87
CA SER A 68 7.29 7.01 26.52
C SER A 68 8.32 8.05 26.95
N LEU A 69 8.72 8.89 26.00
CA LEU A 69 9.77 9.89 26.17
C LEU A 69 9.20 11.29 25.94
N THR A 70 10.06 12.30 26.13
CA THR A 70 9.60 13.68 26.00
CA THR A 70 9.60 13.68 26.00
C THR A 70 9.26 14.02 24.55
N ASP A 71 10.02 13.50 23.60
CA ASP A 71 9.75 13.76 22.19
C ASP A 71 10.45 12.68 21.35
N TYR A 72 10.25 12.76 20.04
CA TYR A 72 10.80 11.74 19.15
C TYR A 72 12.31 11.84 19.04
N GLN A 73 12.88 13.04 19.24
CA GLN A 73 14.32 13.18 19.28
C GLN A 73 14.95 12.31 20.37
N ALA A 74 14.26 12.17 21.51
CA ALA A 74 14.74 11.28 22.56
C ALA A 74 14.81 9.83 22.08
N MET A 75 13.86 9.41 21.23
CA MET A 75 13.93 8.07 20.67
C MET A 75 15.18 7.89 19.81
N TYR A 76 15.43 8.83 18.91
CA TYR A 76 16.61 8.77 18.05
C TYR A 76 17.89 8.74 18.88
N ASP A 77 17.98 9.59 19.90
CA ASP A 77 19.19 9.63 20.72
C ASP A 77 19.38 8.32 21.49
N ILE A 78 18.33 7.83 22.15
CA ILE A 78 18.47 6.63 22.98
C ILE A 78 18.74 5.41 22.11
N LEU A 79 17.96 5.21 21.06
CA LEU A 79 18.06 4.00 20.26
C LEU A 79 19.17 4.06 19.22
N SER A 80 19.98 5.13 19.21
CA SER A 80 21.03 5.27 18.21
C SER A 80 21.99 4.08 18.26
N THR A 81 22.41 3.69 19.46
CA THR A 81 23.34 2.56 19.59
C THR A 81 22.64 1.21 19.49
N ALA A 82 21.32 1.19 19.31
CA ALA A 82 20.56 -0.05 19.28
C ALA A 82 19.88 -0.29 17.93
N GLU A 83 20.26 0.48 16.91
CA GLU A 83 19.57 0.43 15.63
C GLU A 83 19.70 -0.94 14.95
N SER A 84 20.84 -1.61 15.11
CA SER A 84 20.99 -2.92 14.49
C SER A 84 20.21 -4.01 15.21
N ALA A 85 19.72 -3.74 16.41
CA ALA A 85 18.92 -4.70 17.16
C ALA A 85 17.42 -4.51 16.96
N LEU A 86 17.00 -3.54 16.14
CA LEU A 86 15.59 -3.25 15.94
C LEU A 86 14.91 -4.17 14.93
N ALA A 87 15.67 -4.93 14.14
CA ALA A 87 15.09 -5.69 13.05
C ALA A 87 14.10 -6.73 13.58
N GLY A 88 12.93 -6.79 12.95
CA GLY A 88 11.91 -7.76 13.29
C GLY A 88 11.01 -7.40 14.46
N ARG A 89 11.20 -6.26 15.09
CA ARG A 89 10.43 -5.88 16.26
C ARG A 89 9.49 -4.73 15.95
N THR A 90 8.53 -4.52 16.85
CA THR A 90 7.53 -3.47 16.70
C THR A 90 7.79 -2.37 17.72
N ILE A 91 7.95 -1.14 17.24
CA ILE A 91 8.09 0.03 18.10
C ILE A 91 6.73 0.69 18.22
N VAL A 92 6.27 0.86 19.45
CA VAL A 92 5.06 1.61 19.75
C VAL A 92 5.51 2.87 20.49
N ASN A 93 5.51 4.02 19.79
CA ASN A 93 5.97 5.26 20.38
C ASN A 93 4.77 6.06 20.86
N LEU A 94 4.66 6.23 22.18
CA LEU A 94 3.59 6.99 22.79
C LEU A 94 3.96 8.44 23.08
N SER A 95 5.13 8.87 22.63
CA SER A 95 5.59 10.23 22.90
C SER A 95 4.88 11.22 21.99
N SER A 96 4.70 12.45 22.50
CA SER A 96 4.04 13.49 21.75
CA SER A 96 4.04 13.50 21.75
C SER A 96 5.06 14.26 20.90
N ASP A 97 4.68 14.53 19.65
CA ASP A 97 5.52 15.29 18.73
C ASP A 97 4.69 15.68 17.53
N ASP A 98 5.30 16.48 16.65
CA ASP A 98 4.64 16.91 15.42
C ASP A 98 4.27 15.70 14.56
N PRO A 99 3.09 15.72 13.93
CA PRO A 99 2.67 14.53 13.15
C PRO A 99 3.62 14.17 12.02
N ASP A 100 4.16 15.17 11.31
CA ASP A 100 5.12 14.86 10.24
C ASP A 100 6.43 14.31 10.81
N VAL A 101 6.77 14.69 12.04
CA VAL A 101 7.93 14.08 12.70
C VAL A 101 7.68 12.60 12.93
N THR A 102 6.47 12.24 13.37
CA THR A 102 6.17 10.83 13.58
C THR A 102 6.14 10.05 12.27
N ARG A 103 5.70 10.69 11.18
CA ARG A 103 5.72 10.02 9.89
C ARG A 103 7.15 9.76 9.43
N GLU A 104 8.07 10.70 9.68
CA GLU A 104 9.48 10.46 9.36
C GLU A 104 10.05 9.32 10.20
N ALA A 105 9.55 9.14 11.43
CA ALA A 105 10.01 8.05 12.25
C ALA A 105 9.62 6.69 11.67
N ALA A 106 8.44 6.62 11.04
CA ALA A 106 8.04 5.38 10.38
C ALA A 106 9.01 4.99 9.28
N LYS A 107 9.54 5.99 8.55
CA LYS A 107 10.53 5.70 7.51
C LYS A 107 11.83 5.21 8.12
N TRP A 108 12.25 5.83 9.22
CA TRP A 108 13.46 5.40 9.92
C TRP A 108 13.29 4.01 10.50
N ALA A 109 12.12 3.70 11.05
CA ALA A 109 11.88 2.35 11.56
C ALA A 109 12.00 1.30 10.46
N ALA A 110 11.44 1.59 9.29
CA ALA A 110 11.53 0.62 8.20
C ALA A 110 12.96 0.48 7.70
N LYS A 111 13.73 1.57 7.70
CA LYS A 111 15.14 1.49 7.31
C LYS A 111 15.88 0.47 8.16
N HIS A 112 15.55 0.36 9.45
CA HIS A 112 16.19 -0.57 10.35
C HIS A 112 15.37 -1.83 10.57
N GLY A 113 14.44 -2.14 9.67
CA GLY A 113 13.73 -3.41 9.70
C GLY A 113 12.68 -3.55 10.76
N ALA A 114 12.19 -2.44 11.34
CA ALA A 114 11.22 -2.49 12.41
C ALA A 114 9.85 -2.01 11.92
N THR A 115 8.81 -2.54 12.55
CA THR A 115 7.45 -2.04 12.38
C THR A 115 7.22 -0.90 13.38
N PHE A 116 6.44 0.10 12.98
CA PHE A 116 6.26 1.30 13.77
C PHE A 116 4.78 1.62 13.94
N ILE A 117 4.38 1.85 15.18
CA ILE A 117 3.04 2.33 15.52
C ILE A 117 3.20 3.57 16.38
N ALA A 118 2.47 4.63 16.05
CA ALA A 118 2.46 5.84 16.86
C ALA A 118 1.25 5.82 17.77
N GLY A 119 1.44 6.30 19.00
CA GLY A 119 0.37 6.34 19.98
C GLY A 119 0.21 7.73 20.57
N GLY A 120 -1.01 8.01 21.03
CA GLY A 120 -1.32 9.25 21.71
C GLY A 120 -2.17 9.00 22.93
N VAL A 121 -1.63 9.28 24.13
CA VAL A 121 -2.23 8.86 25.38
C VAL A 121 -3.03 10.00 25.98
N MET A 122 -4.30 9.75 26.25
CA MET A 122 -5.19 10.71 26.90
C MET A 122 -5.48 10.22 28.31
N ILE A 123 -5.17 11.06 29.30
CA ILE A 123 -5.47 10.77 30.70
C ILE A 123 -6.75 11.49 31.03
N PRO A 124 -7.82 10.74 31.28
CA PRO A 124 -9.15 11.28 31.53
C PRO A 124 -9.16 12.34 32.64
N ALA A 133 -8.27 5.62 31.07
CA ALA A 133 -7.46 6.26 30.04
C ALA A 133 -7.68 5.58 28.69
N TYR A 134 -7.46 6.34 27.61
CA TYR A 134 -7.58 5.80 26.26
C TYR A 134 -6.45 6.34 25.40
N VAL A 135 -6.02 5.52 24.43
CA VAL A 135 -4.84 5.79 23.63
C VAL A 135 -5.22 5.72 22.16
N PHE A 136 -4.92 6.78 21.42
CA PHE A 136 -5.01 6.73 19.96
C PHE A 136 -3.85 5.91 19.40
N TYR A 137 -4.13 5.09 18.40
CA TYR A 137 -3.10 4.33 17.70
C TYR A 137 -3.24 4.49 16.20
N SER A 138 -2.10 4.60 15.52
CA SER A 138 -2.10 4.72 14.06
C SER A 138 -0.87 4.04 13.49
N GLY A 139 -1.01 3.53 12.28
CA GLY A 139 0.00 2.71 11.65
C GLY A 139 -0.62 1.46 11.07
N PRO A 140 0.21 0.51 10.64
CA PRO A 140 -0.33 -0.72 10.03
C PRO A 140 -1.27 -1.44 10.96
N LYS A 141 -2.47 -1.75 10.44
CA LYS A 141 -3.50 -2.39 11.25
CA LYS A 141 -3.50 -2.39 11.26
C LYS A 141 -3.07 -3.80 11.68
N SER A 142 -2.36 -4.52 10.82
CA SER A 142 -1.87 -5.84 11.18
C SER A 142 -0.94 -5.78 12.39
N ALA A 143 -0.14 -4.71 12.50
CA ALA A 143 0.72 -4.58 13.66
C ALA A 143 -0.09 -4.28 14.92
N PHE A 144 -1.08 -3.39 14.81
CA PHE A 144 -1.94 -3.08 15.94
C PHE A 144 -2.68 -4.33 16.43
N ASP A 145 -3.25 -5.09 15.48
CA ASP A 145 -3.96 -6.31 15.86
C ASP A 145 -3.04 -7.33 16.51
N ALA A 146 -1.77 -7.36 16.11
CA ALA A 146 -0.84 -8.34 16.67
C ALA A 146 -0.49 -8.03 18.11
N HIS A 147 -0.49 -6.75 18.49
CA HIS A 147 -0.09 -6.36 19.84
C HIS A 147 -1.25 -5.83 20.67
N GLU A 148 -2.46 -5.81 20.11
CA GLU A 148 -3.62 -5.31 20.85
C GLU A 148 -3.87 -6.03 22.17
N PRO A 149 -3.66 -7.35 22.32
CA PRO A 149 -3.84 -7.98 23.63
C PRO A 149 -2.98 -7.36 24.71
N VAL A 150 -1.78 -6.87 24.37
CA VAL A 150 -0.95 -6.19 25.34
C VAL A 150 -1.36 -4.73 25.48
N LEU A 151 -1.63 -4.05 24.36
CA LEU A 151 -1.92 -2.62 24.40
C LEU A 151 -3.20 -2.32 25.16
N ARG A 152 -4.16 -3.25 25.17
CA ARG A 152 -5.44 -2.98 25.84
C ARG A 152 -5.28 -2.82 27.35
N HIS A 153 -4.22 -3.38 27.95
CA HIS A 153 -4.00 -3.21 29.38
C HIS A 153 -3.55 -1.79 29.71
N ILE A 154 -2.85 -1.14 28.78
CA ILE A 154 -2.40 0.23 29.01
C ILE A 154 -3.60 1.18 29.11
N GLY A 155 -4.63 0.93 28.32
CA GLY A 155 -5.78 1.81 28.28
C GLY A 155 -6.61 1.47 27.06
N GLY A 156 -7.76 2.13 26.97
CA GLY A 156 -8.69 1.91 25.89
C GLY A 156 -8.09 2.26 24.54
N PRO A 157 -7.81 1.24 23.74
CA PRO A 157 -7.18 1.49 22.43
C PRO A 157 -8.20 1.99 21.43
N ARG A 158 -7.82 3.01 20.66
CA ARG A 158 -8.64 3.51 19.56
C ARG A 158 -7.77 3.56 18.31
N PHE A 159 -7.92 2.57 17.45
CA PHE A 159 -7.22 2.58 16.17
C PHE A 159 -7.86 3.60 15.23
N LEU A 160 -7.04 4.48 14.68
CA LEU A 160 -7.52 5.58 13.85
C LEU A 160 -7.33 5.35 12.36
N GLY A 161 -6.34 4.58 11.96
CA GLY A 161 -6.03 4.39 10.56
C GLY A 161 -4.58 4.06 10.38
N GLU A 162 -4.22 3.80 9.12
CA GLU A 162 -2.89 3.31 8.78
C GLU A 162 -1.92 4.41 8.38
N ASP A 163 -2.30 5.67 8.59
CA ASP A 163 -1.36 6.79 8.52
C ASP A 163 -0.75 6.97 9.90
N THR A 164 0.56 6.72 10.01
CA THR A 164 1.26 6.83 11.30
C THR A 164 0.99 8.17 11.97
N GLY A 165 0.91 9.25 11.20
CA GLY A 165 0.75 10.59 11.76
C GLY A 165 -0.60 10.87 12.40
N LEU A 166 -1.57 9.96 12.27
CA LEU A 166 -2.92 10.25 12.76
C LEU A 166 -2.97 10.36 14.28
N ALA A 167 -2.26 9.47 14.99
CA ALA A 167 -2.38 9.43 16.45
C ALA A 167 -1.98 10.76 17.08
N GLN A 168 -0.87 11.35 16.63
CA GLN A 168 -0.45 12.62 17.20
C GLN A 168 -1.26 13.79 16.64
N LEU A 169 -1.79 13.66 15.42
CA LEU A 169 -2.70 14.68 14.91
C LEU A 169 -3.96 14.78 15.77
N TYR A 170 -4.59 13.63 16.06
CA TYR A 170 -5.76 13.62 16.93
C TYR A 170 -5.41 14.08 18.34
N TYR A 171 -4.28 13.60 18.86
CA TYR A 171 -3.85 13.99 20.21
C TYR A 171 -3.66 15.49 20.31
N LEU A 172 -2.92 16.07 19.36
CA LEU A 172 -2.64 17.50 19.39
C LEU A 172 -3.91 18.34 19.18
N ALA A 173 -4.86 17.82 18.39
CA ALA A 173 -6.12 18.53 18.22
C ALA A 173 -6.93 18.54 19.51
N HIS A 174 -6.93 17.42 20.24
CA HIS A 174 -7.54 17.41 21.56
C HIS A 174 -6.86 18.40 22.49
N LEU A 175 -5.52 18.43 22.47
CA LEU A 175 -4.78 19.36 23.31
C LEU A 175 -4.93 20.79 22.83
N ASP A 176 -5.20 20.98 21.54
CA ASP A 176 -5.56 22.29 21.01
C ASP A 176 -6.77 22.85 21.74
N VAL A 177 -7.81 22.02 21.91
CA VAL A 177 -8.99 22.44 22.67
C VAL A 177 -8.63 22.69 24.13
N LEU A 178 -7.91 21.75 24.75
CA LEU A 178 -7.60 21.86 26.18
C LEU A 178 -6.77 23.09 26.49
N LEU A 179 -5.65 23.28 25.78
CA LEU A 179 -4.75 24.38 26.08
C LEU A 179 -5.39 25.74 25.80
N THR A 180 -6.12 25.85 24.69
CA THR A 180 -6.76 27.12 24.36
C THR A 180 -7.86 27.45 25.36
N THR A 181 -8.67 26.45 25.73
CA THR A 181 -9.72 26.66 26.72
C THR A 181 -9.14 27.06 28.07
N LEU A 182 -8.09 26.38 28.52
CA LEU A 182 -7.46 26.74 29.78
C LEU A 182 -6.90 28.15 29.74
N ALA A 183 -6.29 28.54 28.61
CA ALA A 183 -5.78 29.90 28.47
C ALA A 183 -6.90 30.93 28.59
N SER A 184 -8.08 30.61 28.08
CA SER A 184 -9.19 31.57 28.13
C SER A 184 -9.69 31.74 29.56
N VAL A 185 -9.61 30.70 30.38
CA VAL A 185 -10.00 30.80 31.78
C VAL A 185 -9.04 31.72 32.54
N VAL A 186 -7.75 31.57 32.29
CA VAL A 186 -6.77 32.45 32.92
C VAL A 186 -6.95 33.88 32.43
N HIS A 187 -7.19 34.05 31.12
CA HIS A 187 -7.34 35.39 30.57
C HIS A 187 -8.60 36.07 31.10
N ALA A 188 -9.72 35.35 31.16
CA ALA A 188 -10.95 35.94 31.67
C ALA A 188 -10.79 36.34 33.13
N THR A 189 -10.07 35.54 33.92
CA THR A 189 -9.85 35.88 35.31
C THR A 189 -9.01 37.16 35.44
N ALA A 190 -7.96 37.28 34.63
CA ALA A 190 -7.16 38.51 34.65
C ALA A 190 -7.98 39.72 34.26
N LEU A 191 -8.89 39.54 33.31
CA LEU A 191 -9.74 40.64 32.86
C LEU A 191 -10.58 41.20 34.01
N VAL A 192 -11.19 40.30 34.79
CA VAL A 192 -12.02 40.73 35.92
C VAL A 192 -11.15 41.23 37.07
N SER A 193 -10.05 40.52 37.37
CA SER A 193 -9.20 40.89 38.49
C SER A 193 -8.46 42.19 38.24
N ALA A 194 -8.36 42.64 37.00
CA ALA A 194 -7.76 43.94 36.72
C ALA A 194 -8.53 45.08 37.39
N ALA A 195 -9.81 44.87 37.68
CA ALA A 195 -10.64 45.87 38.34
C ALA A 195 -10.54 45.81 39.86
N GLY A 196 -9.70 44.94 40.40
CA GLY A 196 -9.59 44.77 41.84
C GLY A 196 -10.37 43.59 42.40
N VAL A 197 -11.09 42.85 41.57
CA VAL A 197 -11.83 41.69 42.03
C VAL A 197 -10.85 40.59 42.44
N ASP A 198 -11.14 39.93 43.55
CA ASP A 198 -10.33 38.80 44.01
C ASP A 198 -10.37 37.66 42.98
N GLU A 199 -9.18 37.18 42.60
CA GLU A 199 -9.10 36.05 41.67
C GLU A 199 -9.93 34.87 42.16
N ALA A 200 -9.88 34.58 43.47
CA ALA A 200 -10.63 33.46 44.01
C ALA A 200 -12.13 33.64 43.86
N ALA A 201 -12.61 34.86 43.61
CA ALA A 201 -14.03 35.06 43.41
C ALA A 201 -14.47 34.73 41.99
N PHE A 202 -13.66 35.08 40.99
CA PHE A 202 -14.11 34.91 39.62
C PHE A 202 -13.61 33.62 38.96
N ALA A 203 -12.40 33.16 39.31
CA ALA A 203 -11.88 31.93 38.72
C ALA A 203 -12.88 30.77 38.76
N PRO A 204 -13.61 30.51 39.86
CA PRO A 204 -14.63 29.45 39.79
C PRO A 204 -15.74 29.74 38.80
N GLU A 205 -16.04 31.01 38.53
CA GLU A 205 -17.06 31.34 37.54
C GLU A 205 -16.55 31.09 36.13
N ALA A 206 -15.29 31.46 35.85
CA ALA A 206 -14.71 31.16 34.55
C ALA A 206 -14.66 29.66 34.31
N ILE A 207 -14.39 28.88 35.36
CA ILE A 207 -14.41 27.43 35.24
C ILE A 207 -15.82 26.95 34.92
N ARG A 208 -16.82 27.48 35.63
CA ARG A 208 -18.19 27.09 35.36
C ARG A 208 -18.61 27.44 33.94
N MET A 209 -18.05 28.51 33.38
CA MET A 209 -18.36 28.87 32.01
C MET A 209 -17.88 27.81 31.02
N VAL A 210 -16.77 27.13 31.33
CA VAL A 210 -16.33 26.00 30.50
C VAL A 210 -17.38 24.90 30.52
N ILE A 211 -17.82 24.53 31.73
CA ILE A 211 -18.84 23.48 31.87
C ILE A 211 -20.11 23.87 31.13
N GLU A 212 -20.54 25.14 31.28
CA GLU A 212 -21.73 25.60 30.57
C GLU A 212 -21.52 25.55 29.06
N THR A 213 -20.32 25.91 28.58
CA THR A 213 -20.03 25.80 27.17
C THR A 213 -20.10 24.37 26.69
N GLY A 214 -19.59 23.43 27.50
CA GLY A 214 -19.66 22.02 27.13
C GLY A 214 -21.10 21.52 27.05
N GLN A 215 -21.94 21.93 28.00
CA GLN A 215 -23.34 21.49 28.00
C GLN A 215 -24.12 22.13 26.86
N MET A 216 -23.84 23.40 26.57
CA MET A 216 -24.42 24.02 25.37
C MET A 216 -24.05 23.23 24.12
N LEU A 217 -22.82 22.73 24.06
CA LEU A 217 -22.36 21.87 22.98
C LEU A 217 -22.75 20.41 23.18
N ALA A 218 -23.75 20.11 24.00
CA ALA A 218 -24.11 18.73 24.24
C ALA A 218 -25.57 18.46 23.84
N GLU A 222 -28.14 21.90 20.82
CA GLU A 222 -28.35 22.19 19.40
C GLU A 222 -27.21 23.03 18.83
N THR A 223 -26.39 23.60 19.72
CA THR A 223 -25.19 24.29 19.26
C THR A 223 -24.14 23.31 18.76
N GLY A 224 -24.14 22.09 19.30
CA GLY A 224 -23.25 21.04 18.79
C GLY A 224 -23.75 20.49 17.48
N LEU A 225 -25.05 20.16 17.40
CA LEU A 225 -25.65 19.79 16.13
C LEU A 225 -25.42 20.85 15.08
N GLU A 226 -25.48 22.13 15.49
CA GLU A 226 -25.11 23.20 14.57
C GLU A 226 -23.64 23.11 14.19
N LEU A 227 -22.77 22.78 15.15
CA LEU A 227 -21.33 22.73 14.88
C LEU A 227 -20.98 21.56 13.96
N ALA A 228 -21.40 20.35 14.34
CA ALA A 228 -21.04 19.17 13.56
C ALA A 228 -21.65 19.22 12.16
N ARG A 229 -22.91 19.65 12.07
CA ARG A 229 -23.58 19.68 10.77
C ARG A 229 -22.96 20.74 9.87
N ASN A 230 -22.70 21.93 10.39
CA ASN A 230 -22.21 23.02 9.55
C ASN A 230 -20.79 22.74 9.05
N LEU A 231 -19.91 22.22 9.92
CA LEU A 231 -18.54 21.98 9.51
C LEU A 231 -18.46 20.88 8.45
N ALA A 232 -19.27 19.83 8.60
CA ALA A 232 -19.23 18.72 7.66
C ALA A 232 -19.94 19.06 6.35
N SER A 233 -21.10 19.70 6.43
CA SER A 233 -21.85 20.04 5.22
C SER A 233 -21.31 21.27 4.51
N GLY A 234 -20.55 22.11 5.21
CA GLY A 234 -20.06 23.34 4.62
C GLY A 234 -21.08 24.45 4.54
N ASN A 235 -22.29 24.25 5.05
CA ASN A 235 -23.32 25.28 5.08
C ASN A 235 -23.48 25.79 6.51
N HIS A 236 -23.41 27.10 6.69
CA HIS A 236 -23.48 27.74 7.99
C HIS A 236 -24.70 28.66 8.04
N PRO A 237 -25.90 28.12 8.27
CA PRO A 237 -27.10 28.96 8.33
C PRO A 237 -27.09 29.83 9.59
N GLY A 238 -27.19 31.14 9.38
CA GLY A 238 -27.21 32.05 10.50
C GLY A 238 -28.48 31.95 11.32
N GLU A 239 -28.37 31.43 12.54
CA GLU A 239 -29.53 31.27 13.41
C GLU A 239 -29.52 32.31 14.51
N LEU A 240 -29.48 31.87 15.76
CA LEU A 240 -29.47 32.79 16.90
C LEU A 240 -28.13 33.49 17.09
N ALA A 241 -27.05 32.96 16.50
CA ALA A 241 -25.69 33.45 16.81
C ALA A 241 -24.90 33.57 15.51
N THR A 242 -24.86 34.77 14.95
CA THR A 242 -24.19 35.01 13.69
C THR A 242 -22.77 35.53 13.91
N ALA A 243 -21.96 35.47 12.84
CA ALA A 243 -20.57 35.88 12.94
C ALA A 243 -20.44 37.37 13.23
N VAL A 244 -21.34 38.19 12.69
CA VAL A 244 -21.26 39.63 12.94
C VAL A 244 -21.61 39.95 14.38
N MET A 245 -22.53 39.19 14.98
CA MET A 245 -22.85 39.37 16.38
C MET A 245 -21.70 38.94 17.28
N MET A 246 -21.13 37.76 17.00
CA MET A 246 -19.99 37.29 17.79
C MET A 246 -18.77 38.19 17.58
N GLY A 247 -18.57 38.67 16.35
CA GLY A 247 -17.45 39.56 16.10
C GLY A 247 -17.53 40.83 16.92
N ALA A 248 -18.73 41.37 17.12
CA ALA A 248 -18.88 42.56 17.94
C ALA A 248 -18.53 42.28 19.39
N THR A 249 -18.90 41.09 19.88
CA THR A 249 -18.52 40.71 21.24
C THR A 249 -17.02 40.52 21.36
N ALA A 250 -16.40 39.88 20.36
CA ALA A 250 -14.94 39.76 20.35
C ALA A 250 -14.28 41.12 20.36
N ASP A 251 -14.83 42.08 19.60
CA ASP A 251 -14.29 43.44 19.62
C ASP A 251 -14.38 44.05 21.01
N HIS A 252 -15.50 43.84 21.70
CA HIS A 252 -15.66 44.39 23.05
C HIS A 252 -14.67 43.77 24.03
N ILE A 253 -14.44 42.45 23.90
CA ILE A 253 -13.48 41.79 24.77
C ILE A 253 -12.09 42.37 24.57
N VAL A 254 -11.72 42.66 23.32
CA VAL A 254 -10.42 43.26 23.02
C VAL A 254 -10.32 44.65 23.64
N SER A 255 -11.35 45.49 23.43
CA SER A 255 -11.31 46.83 23.97
C SER A 255 -11.30 46.81 25.50
N ALA A 256 -12.06 45.90 26.10
CA ALA A 256 -12.02 45.74 27.56
C ALA A 256 -10.63 45.33 28.03
N ALA A 257 -10.01 44.37 27.34
CA ALA A 257 -8.66 43.94 27.74
C ALA A 257 -7.65 45.05 27.49
N LYS A 258 -7.81 45.79 26.39
CA LYS A 258 -6.92 46.91 26.11
C LYS A 258 -7.05 48.00 27.16
N GLY A 259 -8.25 48.20 27.70
CA GLY A 259 -8.42 49.19 28.76
C GLY A 259 -8.03 48.70 30.12
N SER A 260 -8.12 47.39 30.36
CA SER A 260 -7.72 46.80 31.63
C SER A 260 -6.22 46.64 31.76
N GLY A 261 -5.46 46.84 30.68
CA GLY A 261 -4.05 46.52 30.71
C GLY A 261 -3.73 45.04 30.67
N VAL A 262 -4.65 44.22 30.16
CA VAL A 262 -4.49 42.77 30.12
C VAL A 262 -3.97 42.37 28.73
N ASP A 263 -3.15 41.31 28.70
CA ASP A 263 -2.50 40.89 27.47
C ASP A 263 -3.53 40.61 26.38
N LEU A 264 -3.19 41.00 25.15
CA LEU A 264 -4.16 41.07 24.05
C LEU A 264 -4.06 39.92 23.05
N VAL A 265 -2.98 39.13 23.06
CA VAL A 265 -2.74 38.22 21.94
C VAL A 265 -3.87 37.21 21.79
N LEU A 266 -4.43 36.72 22.92
CA LEU A 266 -5.47 35.71 22.82
C LEU A 266 -6.79 36.29 22.29
N PRO A 267 -7.37 37.35 22.88
CA PRO A 267 -8.61 37.90 22.31
C PRO A 267 -8.43 38.51 20.93
N GLU A 268 -7.24 39.04 20.62
CA GLU A 268 -7.02 39.55 19.26
C GLU A 268 -7.03 38.41 18.24
N ALA A 269 -6.62 37.20 18.64
CA ALA A 269 -6.71 36.06 17.74
C ALA A 269 -8.16 35.71 17.44
N VAL A 270 -9.02 35.71 18.48
CA VAL A 270 -10.44 35.48 18.26
C VAL A 270 -11.05 36.59 17.42
N LYS A 271 -10.68 37.85 17.71
CA LYS A 271 -11.16 38.96 16.91
C LYS A 271 -10.68 38.86 15.47
N SER A 272 -9.45 38.38 15.27
CA SER A 272 -8.94 38.21 13.91
C SER A 272 -9.76 37.19 13.14
N LEU A 273 -10.20 36.11 13.80
CA LEU A 273 -10.99 35.10 13.13
C LEU A 273 -12.35 35.65 12.70
N TYR A 274 -13.01 36.39 13.59
CA TYR A 274 -14.32 36.94 13.25
C TYR A 274 -14.20 38.06 12.23
N ASP A 275 -13.16 38.90 12.33
CA ASP A 275 -12.95 39.96 11.36
C ASP A 275 -12.83 39.40 9.95
N ARG A 276 -11.96 38.40 9.77
CA ARG A 276 -11.79 37.79 8.46
C ARG A 276 -13.03 37.03 8.02
N THR A 277 -13.78 36.45 8.97
CA THR A 277 -15.02 35.76 8.63
C THR A 277 -16.07 36.74 8.12
N VAL A 278 -16.19 37.89 8.78
CA VAL A 278 -17.12 38.91 8.30
C VAL A 278 -16.64 39.50 6.98
N ALA A 279 -15.34 39.80 6.89
CA ALA A 279 -14.79 40.38 5.67
C ALA A 279 -14.92 39.45 4.47
N ALA A 280 -15.10 38.15 4.69
CA ALA A 280 -15.27 37.19 3.61
C ALA A 280 -16.73 37.05 3.18
N GLY A 281 -17.62 37.87 3.72
CA GLY A 281 -19.02 37.84 3.34
C GLY A 281 -19.90 36.92 4.16
N HIS A 282 -19.38 36.32 5.23
CA HIS A 282 -20.14 35.40 6.08
C HIS A 282 -20.70 36.08 7.33
N GLY A 283 -20.85 37.40 7.32
CA GLY A 283 -21.30 38.09 8.51
C GLY A 283 -22.66 37.63 8.99
N LYS A 284 -23.61 37.42 8.07
CA LYS A 284 -24.94 36.97 8.44
C LYS A 284 -25.01 35.46 8.71
N ASP A 285 -23.97 34.71 8.36
CA ASP A 285 -23.96 33.28 8.60
C ASP A 285 -23.69 32.98 10.07
N SER A 286 -23.79 31.70 10.42
CA SER A 286 -23.50 31.27 11.78
C SER A 286 -22.05 31.59 12.14
N TRP A 287 -21.78 31.60 13.45
CA TRP A 287 -20.40 31.76 13.91
C TRP A 287 -19.52 30.62 13.42
N THR A 288 -20.09 29.45 13.13
CA THR A 288 -19.30 28.33 12.62
C THR A 288 -18.64 28.63 11.29
N ALA A 289 -19.07 29.69 10.59
CA ALA A 289 -18.49 30.02 9.29
C ALA A 289 -17.02 30.43 9.38
N MET A 290 -16.48 30.64 10.59
CA MET A 290 -15.05 30.88 10.70
C MET A 290 -14.25 29.67 10.27
N TYR A 291 -14.87 28.49 10.21
CA TYR A 291 -14.21 27.29 9.71
C TYR A 291 -13.69 27.51 8.29
N GLU A 292 -14.43 28.27 7.47
CA GLU A 292 -14.00 28.53 6.10
C GLU A 292 -12.76 29.41 6.05
N ILE A 293 -12.52 30.20 7.09
CA ILE A 293 -11.28 30.95 7.20
C ILE A 293 -10.14 30.08 7.74
N ILE A 294 -10.46 29.14 8.63
CA ILE A 294 -9.41 28.37 9.31
C ILE A 294 -8.95 27.16 8.49
N LYS A 295 -9.86 26.53 7.75
CA LYS A 295 -9.60 25.24 7.15
C LYS A 295 -8.50 25.31 6.09
N LYS A 296 -8.04 24.13 5.70
CA LYS A 296 -7.00 24.01 4.68
C LYS A 296 -7.52 24.50 3.33
N LYS A 297 -6.67 25.27 2.62
CA LYS A 297 -7.03 25.78 1.30
C LYS A 297 -7.37 24.64 0.35
N ALA A 298 -8.16 24.98 -0.67
CA ALA A 298 -8.43 24.08 -1.80
C ALA A 298 -8.95 22.73 -1.33
N LYS B 5 -30.83 -8.51 16.48
CA LYS B 5 -32.03 -8.05 17.17
C LYS B 5 -32.48 -6.69 16.65
N SER B 6 -31.51 -5.83 16.34
CA SER B 6 -31.85 -4.46 15.94
C SER B 6 -32.26 -4.42 14.48
N PRO B 7 -33.30 -3.65 14.14
CA PRO B 7 -33.78 -3.63 12.76
C PRO B 7 -32.79 -2.96 11.82
N VAL B 8 -32.72 -3.49 10.60
CA VAL B 8 -31.86 -2.96 9.56
C VAL B 8 -32.71 -2.69 8.32
N THR B 9 -32.33 -1.68 7.56
CA THR B 9 -32.93 -1.38 6.27
C THR B 9 -31.89 -1.59 5.18
N LEU B 10 -32.28 -2.28 4.11
CA LEU B 10 -31.38 -2.57 3.00
C LEU B 10 -32.09 -2.24 1.69
N ILE B 11 -31.44 -1.40 0.87
CA ILE B 11 -31.97 -1.00 -0.43
C ILE B 11 -30.96 -1.44 -1.49
N GLY B 12 -31.46 -2.05 -2.56
CA GLY B 12 -30.60 -2.63 -3.57
C GLY B 12 -30.70 -4.13 -3.51
N LEU B 13 -31.59 -4.70 -4.30
CA LEU B 13 -31.89 -6.13 -4.25
C LEU B 13 -31.23 -6.90 -5.38
N GLY B 14 -30.01 -6.50 -5.77
CA GLY B 14 -29.21 -7.31 -6.63
C GLY B 14 -28.70 -8.55 -5.92
N PRO B 15 -27.89 -9.35 -6.62
CA PRO B 15 -27.34 -10.56 -6.00
C PRO B 15 -26.64 -10.29 -4.67
N MET B 16 -25.89 -9.19 -4.58
CA MET B 16 -25.19 -8.86 -3.34
C MET B 16 -26.18 -8.48 -2.25
N GLY B 17 -27.10 -7.56 -2.55
CA GLY B 17 -28.05 -7.12 -1.55
C GLY B 17 -28.94 -8.24 -1.05
N GLN B 18 -29.35 -9.15 -1.96
CA GLN B 18 -30.19 -10.25 -1.55
C GLN B 18 -29.47 -11.18 -0.58
N ALA B 19 -28.19 -11.47 -0.84
CA ALA B 19 -27.44 -12.36 0.04
C ALA B 19 -27.30 -11.74 1.44
N MET B 20 -27.15 -10.42 1.52
CA MET B 20 -27.03 -9.78 2.82
C MET B 20 -28.36 -9.76 3.56
N VAL B 21 -29.48 -9.72 2.84
CA VAL B 21 -30.77 -9.77 3.50
C VAL B 21 -30.99 -11.13 4.15
N ARG B 22 -30.69 -12.22 3.41
CA ARG B 22 -30.83 -13.55 3.99
C ARG B 22 -29.94 -13.71 5.22
N THR B 23 -28.69 -13.25 5.14
CA THR B 23 -27.76 -13.41 6.25
C THR B 23 -28.23 -12.66 7.48
N LEU B 24 -28.71 -11.42 7.29
CA LEU B 24 -29.21 -10.65 8.44
C LEU B 24 -30.51 -11.23 8.96
N LEU B 25 -31.41 -11.66 8.07
CA LEU B 25 -32.62 -12.32 8.52
C LEU B 25 -32.30 -13.63 9.22
N GLY B 26 -31.31 -14.38 8.72
CA GLY B 26 -30.89 -15.60 9.36
C GLY B 26 -30.28 -15.40 10.73
N GLN B 27 -29.85 -14.18 11.04
CA GLN B 27 -29.29 -13.84 12.35
C GLN B 27 -30.33 -13.24 13.29
N GLY B 28 -31.60 -13.22 12.88
CA GLY B 28 -32.65 -12.68 13.73
C GLY B 28 -32.86 -11.18 13.66
N HIS B 29 -32.34 -10.52 12.63
CA HIS B 29 -32.56 -9.08 12.49
C HIS B 29 -33.80 -8.83 11.65
N PRO B 30 -34.73 -7.99 12.13
CA PRO B 30 -35.83 -7.55 11.25
C PRO B 30 -35.28 -6.68 10.14
N VAL B 31 -35.44 -7.12 8.90
CA VAL B 31 -34.90 -6.43 7.74
C VAL B 31 -36.04 -5.83 6.93
N THR B 32 -35.99 -4.52 6.73
CA THR B 32 -36.92 -3.81 5.86
C THR B 32 -36.22 -3.49 4.56
N VAL B 33 -36.83 -3.87 3.44
CA VAL B 33 -36.25 -3.64 2.13
C VAL B 33 -37.18 -2.75 1.32
N TRP B 34 -36.63 -2.16 0.26
CA TRP B 34 -37.43 -1.44 -0.70
C TRP B 34 -36.86 -1.62 -2.10
N ASN B 35 -37.75 -1.71 -3.07
CA ASN B 35 -37.40 -1.75 -4.48
C ASN B 35 -38.59 -1.24 -5.26
N ARG B 36 -38.31 -0.63 -6.43
CA ARG B 36 -39.36 -0.07 -7.28
C ARG B 36 -40.30 -1.15 -7.82
N THR B 37 -39.93 -2.41 -7.72
CA THR B 37 -40.76 -3.51 -8.22
C THR B 37 -40.97 -4.51 -7.10
N PRO B 38 -42.19 -4.67 -6.59
CA PRO B 38 -42.42 -5.56 -5.44
C PRO B 38 -42.05 -7.01 -5.70
N SER B 39 -42.00 -7.45 -6.95
CA SER B 39 -41.71 -8.85 -7.24
C SER B 39 -40.27 -9.21 -6.88
N ARG B 40 -39.33 -8.28 -7.05
CA ARG B 40 -37.94 -8.56 -6.70
C ARG B 40 -37.78 -8.77 -5.20
N ALA B 41 -38.55 -8.03 -4.40
CA ALA B 41 -38.51 -8.20 -2.95
C ALA B 41 -39.28 -9.42 -2.49
N GLU B 42 -40.16 -9.97 -3.32
CA GLU B 42 -40.99 -11.10 -2.90
C GLU B 42 -40.18 -12.31 -2.44
N PRO B 43 -39.12 -12.75 -3.12
CA PRO B 43 -38.33 -13.86 -2.59
C PRO B 43 -37.68 -13.56 -1.25
N LEU B 44 -37.58 -12.30 -0.86
CA LEU B 44 -37.08 -11.95 0.47
C LEU B 44 -38.20 -11.74 1.48
N VAL B 45 -39.42 -11.44 1.02
CA VAL B 45 -40.53 -11.24 1.94
C VAL B 45 -40.93 -12.54 2.62
N VAL B 46 -40.95 -13.65 1.86
CA VAL B 46 -41.39 -14.92 2.43
C VAL B 46 -40.37 -15.52 3.39
N GLU B 47 -39.16 -14.96 3.47
CA GLU B 47 -38.18 -15.32 4.49
C GLU B 47 -38.40 -14.57 5.79
N GLY B 48 -38.83 -13.31 5.72
CA GLY B 48 -39.07 -12.54 6.92
C GLY B 48 -38.88 -11.05 6.73
N ALA B 49 -38.39 -10.64 5.55
CA ALA B 49 -38.17 -9.23 5.27
C ALA B 49 -39.51 -8.55 4.97
N ARG B 50 -39.64 -7.31 5.45
CA ARG B 50 -40.83 -6.51 5.19
C ARG B 50 -40.56 -5.57 4.03
N LEU B 51 -41.47 -5.56 3.05
CA LEU B 51 -41.37 -4.64 1.93
C LEU B 51 -41.98 -3.30 2.33
N ALA B 52 -41.17 -2.26 2.34
CA ALA B 52 -41.66 -0.94 2.70
C ALA B 52 -42.45 -0.34 1.55
N ALA B 53 -43.29 0.65 1.87
CA ALA B 53 -44.14 1.27 0.88
C ALA B 53 -43.43 2.32 0.06
N SER B 54 -42.27 2.78 0.52
CA SER B 54 -41.56 3.87 -0.15
C SER B 54 -40.14 3.93 0.42
N PRO B 55 -39.23 4.63 -0.26
CA PRO B 55 -37.91 4.86 0.36
C PRO B 55 -38.00 5.56 1.70
N THR B 56 -38.94 6.49 1.84
CA THR B 56 -39.11 7.21 3.10
C THR B 56 -39.45 6.25 4.23
N GLU B 57 -40.46 5.40 4.03
CA GLU B 57 -40.85 4.46 5.08
C GLU B 57 -39.72 3.47 5.38
N ALA B 58 -38.98 3.04 4.36
CA ALA B 58 -37.88 2.11 4.58
C ALA B 58 -36.80 2.74 5.44
N VAL B 59 -36.35 3.94 5.06
CA VAL B 59 -35.30 4.62 5.80
C VAL B 59 -35.73 4.88 7.24
N ALA B 60 -36.98 5.27 7.44
CA ALA B 60 -37.47 5.65 8.76
C ALA B 60 -37.71 4.46 9.68
N SER B 61 -37.64 3.23 9.16
CA SER B 61 -37.90 2.06 9.99
C SER B 61 -36.69 1.61 10.80
N SER B 62 -35.49 2.10 10.48
CA SER B 62 -34.29 1.64 11.18
C SER B 62 -33.32 2.80 11.34
N ASP B 63 -32.38 2.63 12.27
CA ASP B 63 -31.28 3.59 12.40
C ASP B 63 -30.10 3.23 11.51
N LEU B 64 -30.19 2.13 10.76
CA LEU B 64 -29.12 1.67 9.88
C LEU B 64 -29.71 1.39 8.50
N VAL B 65 -29.18 2.06 7.48
CA VAL B 65 -29.61 1.87 6.11
C VAL B 65 -28.40 1.43 5.31
N ILE B 66 -28.44 0.20 4.80
CA ILE B 66 -27.38 -0.37 3.98
C ILE B 66 -27.80 -0.28 2.52
N LEU B 67 -26.92 0.25 1.68
CA LEU B 67 -27.19 0.42 0.25
C LEU B 67 -26.23 -0.44 -0.55
N SER B 68 -26.76 -1.16 -1.54
CA SER B 68 -25.96 -1.94 -2.49
C SER B 68 -26.50 -1.64 -3.87
N LEU B 69 -25.92 -0.65 -4.53
CA LEU B 69 -26.42 -0.14 -5.80
C LEU B 69 -25.28 -0.09 -6.82
N THR B 70 -25.63 0.27 -8.05
CA THR B 70 -24.64 0.32 -9.13
C THR B 70 -23.57 1.36 -8.86
N ASP B 71 -23.99 2.60 -8.56
CA ASP B 71 -23.08 3.69 -8.25
C ASP B 71 -23.73 4.59 -7.21
N TYR B 72 -23.03 5.67 -6.85
CA TYR B 72 -23.56 6.58 -5.85
C TYR B 72 -24.70 7.43 -6.39
N GLN B 73 -24.74 7.65 -7.70
CA GLN B 73 -25.87 8.38 -8.28
C GLN B 73 -27.19 7.67 -8.02
N ALA B 74 -27.16 6.33 -8.00
CA ALA B 74 -28.37 5.58 -7.70
C ALA B 74 -28.86 5.83 -6.28
N MET B 75 -27.94 6.08 -5.35
CA MET B 75 -28.33 6.46 -4.00
C MET B 75 -29.09 7.79 -4.01
N TYR B 76 -28.52 8.81 -4.65
CA TYR B 76 -29.17 10.12 -4.71
C TYR B 76 -30.54 10.02 -5.38
N ASP B 77 -30.67 9.17 -6.40
CA ASP B 77 -31.95 9.02 -7.09
C ASP B 77 -32.99 8.39 -6.18
N ILE B 78 -32.64 7.27 -5.54
CA ILE B 78 -33.61 6.54 -4.71
C ILE B 78 -33.98 7.36 -3.48
N LEU B 79 -33.01 8.03 -2.87
CA LEU B 79 -33.24 8.75 -1.62
C LEU B 79 -33.66 10.20 -1.83
N SER B 80 -33.88 10.63 -3.08
CA SER B 80 -34.23 12.02 -3.33
C SER B 80 -35.56 12.39 -2.68
N THR B 81 -36.45 11.42 -2.49
CA THR B 81 -37.75 11.66 -1.87
C THR B 81 -37.77 11.34 -0.38
N ALA B 82 -36.63 10.94 0.19
CA ALA B 82 -36.58 10.52 1.59
C ALA B 82 -35.59 11.33 2.41
N GLU B 83 -35.17 12.50 1.90
CA GLU B 83 -34.14 13.27 2.59
C GLU B 83 -34.58 13.67 3.99
N SER B 84 -35.86 13.99 4.16
CA SER B 84 -36.38 14.33 5.49
C SER B 84 -36.33 13.15 6.45
N ALA B 85 -36.29 11.93 5.95
CA ALA B 85 -36.24 10.75 6.80
C ALA B 85 -34.83 10.36 7.22
N LEU B 86 -33.80 11.05 6.70
CA LEU B 86 -32.42 10.64 6.93
C LEU B 86 -31.89 11.06 8.28
N ALA B 87 -32.53 12.02 8.95
CA ALA B 87 -32.00 12.53 10.21
C ALA B 87 -31.91 11.41 11.25
N GLY B 88 -30.78 11.36 11.95
CA GLY B 88 -30.58 10.42 13.04
C GLY B 88 -30.21 9.02 12.63
N ARG B 89 -29.81 8.80 11.38
CA ARG B 89 -29.57 7.46 10.89
C ARG B 89 -28.17 7.36 10.30
N THR B 90 -27.68 6.14 10.19
CA THR B 90 -26.38 5.84 9.62
C THR B 90 -26.56 5.15 8.28
N ILE B 91 -26.01 5.75 7.23
CA ILE B 91 -25.99 5.17 5.90
C ILE B 91 -24.68 4.40 5.71
N VAL B 92 -24.79 3.14 5.34
CA VAL B 92 -23.64 2.32 4.95
C VAL B 92 -23.80 2.01 3.47
N ASN B 93 -23.02 2.68 2.62
CA ASN B 93 -23.11 2.50 1.18
C ASN B 93 -21.97 1.59 0.73
N LEU B 94 -22.34 0.40 0.24
CA LEU B 94 -21.38 -0.59 -0.23
C LEU B 94 -21.15 -0.52 -1.73
N SER B 95 -21.68 0.50 -2.40
CA SER B 95 -21.56 0.58 -3.85
C SER B 95 -20.16 1.04 -4.25
N SER B 96 -19.67 0.50 -5.35
CA SER B 96 -18.38 0.91 -5.89
C SER B 96 -18.52 2.27 -6.55
N ASP B 97 -17.58 3.17 -6.26
CA ASP B 97 -17.54 4.47 -6.93
C ASP B 97 -16.18 5.11 -6.67
N ASP B 98 -16.01 6.32 -7.18
CA ASP B 98 -14.77 7.05 -7.01
C ASP B 98 -14.61 7.49 -5.57
N PRO B 99 -13.39 7.44 -5.01
CA PRO B 99 -13.20 7.85 -3.61
C PRO B 99 -13.68 9.26 -3.30
N ASP B 100 -13.38 10.23 -4.18
CA ASP B 100 -13.86 11.59 -3.95
C ASP B 100 -15.38 11.69 -4.02
N VAL B 101 -16.01 10.84 -4.83
CA VAL B 101 -17.47 10.77 -4.83
C VAL B 101 -17.99 10.32 -3.47
N THR B 102 -17.35 9.31 -2.87
CA THR B 102 -17.80 8.85 -1.56
C THR B 102 -17.57 9.90 -0.48
N ARG B 103 -16.52 10.72 -0.63
CA ARG B 103 -16.30 11.80 0.32
C ARG B 103 -17.37 12.88 0.22
N GLU B 104 -17.82 13.18 -1.01
CA GLU B 104 -18.91 14.13 -1.19
C GLU B 104 -20.20 13.61 -0.60
N ALA B 105 -20.41 12.29 -0.62
CA ALA B 105 -21.60 11.71 -0.01
C ALA B 105 -21.67 12.01 1.48
N ALA B 106 -20.53 12.06 2.17
CA ALA B 106 -20.53 12.37 3.59
C ALA B 106 -21.00 13.80 3.86
N LYS B 107 -20.65 14.74 2.97
CA LYS B 107 -21.14 16.10 3.13
C LYS B 107 -22.65 16.15 2.97
N TRP B 108 -23.17 15.48 1.94
CA TRP B 108 -24.61 15.44 1.69
C TRP B 108 -25.34 14.78 2.85
N ALA B 109 -24.79 13.69 3.39
CA ALA B 109 -25.43 13.02 4.52
C ALA B 109 -25.48 13.93 5.74
N ALA B 110 -24.41 14.66 6.01
CA ALA B 110 -24.40 15.58 7.14
C ALA B 110 -25.43 16.67 6.97
N LYS B 111 -25.61 17.17 5.74
CA LYS B 111 -26.60 18.21 5.48
C LYS B 111 -28.00 17.76 5.92
N HIS B 112 -28.31 16.48 5.78
CA HIS B 112 -29.61 15.95 6.15
C HIS B 112 -29.57 15.22 7.49
N GLY B 113 -28.52 15.43 8.29
CA GLY B 113 -28.49 14.90 9.64
C GLY B 113 -28.14 13.43 9.75
N ALA B 114 -27.50 12.85 8.73
CA ALA B 114 -27.17 11.43 8.76
C ALA B 114 -25.66 11.24 8.88
N THR B 115 -25.28 10.13 9.50
CA THR B 115 -23.90 9.65 9.47
C THR B 115 -23.71 8.77 8.23
N PHE B 116 -22.51 8.84 7.65
CA PHE B 116 -22.22 8.12 6.43
C PHE B 116 -20.96 7.27 6.60
N ILE B 117 -21.07 5.98 6.26
CA ILE B 117 -19.94 5.06 6.24
C ILE B 117 -19.85 4.44 4.86
N ALA B 118 -18.68 4.54 4.25
CA ALA B 118 -18.43 3.93 2.95
C ALA B 118 -17.89 2.52 3.13
N GLY B 119 -18.35 1.61 2.28
CA GLY B 119 -17.91 0.24 2.33
C GLY B 119 -17.33 -0.21 1.00
N GLY B 120 -16.38 -1.15 1.09
CA GLY B 120 -15.79 -1.75 -0.09
C GLY B 120 -15.78 -3.26 0.02
N VAL B 121 -16.62 -3.93 -0.77
CA VAL B 121 -16.84 -5.36 -0.63
C VAL B 121 -15.85 -6.13 -1.50
N MET B 122 -15.04 -6.97 -0.86
CA MET B 122 -14.18 -7.92 -1.55
C MET B 122 -14.76 -9.32 -1.42
N ILE B 123 -14.95 -10.00 -2.54
CA ILE B 123 -15.29 -11.41 -2.58
C ILE B 123 -14.12 -12.16 -3.21
N PRO B 124 -13.33 -12.87 -2.41
CA PRO B 124 -12.15 -13.70 -2.74
C PRO B 124 -12.37 -14.69 -3.89
N ALA B 132 -13.82 -16.61 3.38
CA ALA B 132 -14.64 -15.61 4.08
C ALA B 132 -14.65 -14.29 3.31
N ALA B 133 -15.83 -13.72 3.11
CA ALA B 133 -15.90 -12.41 2.46
C ALA B 133 -15.35 -11.34 3.40
N TYR B 134 -14.81 -10.27 2.79
CA TYR B 134 -14.34 -9.19 3.63
CA TYR B 134 -14.07 -9.17 3.43
C TYR B 134 -14.69 -7.86 3.00
N VAL B 135 -14.82 -6.88 3.91
CA VAL B 135 -15.41 -5.57 3.58
C VAL B 135 -14.61 -4.47 4.25
N PHE B 136 -14.06 -3.55 3.46
CA PHE B 136 -13.45 -2.35 4.01
C PHE B 136 -14.54 -1.37 4.43
N TYR B 137 -14.29 -0.64 5.53
CA TYR B 137 -15.22 0.38 6.01
C TYR B 137 -14.44 1.63 6.39
N SER B 138 -14.96 2.80 6.00
CA SER B 138 -14.33 4.06 6.35
C SER B 138 -15.41 5.11 6.64
N GLY B 139 -15.15 5.93 7.66
CA GLY B 139 -16.12 6.86 8.19
C GLY B 139 -15.93 7.01 9.68
N PRO B 140 -16.88 7.62 10.36
CA PRO B 140 -16.73 7.84 11.80
C PRO B 140 -16.56 6.53 12.55
N LYS B 141 -15.49 6.44 13.35
CA LYS B 141 -15.22 5.21 14.08
C LYS B 141 -16.33 4.90 15.08
N SER B 142 -16.92 5.94 15.68
CA SER B 142 -18.00 5.73 16.64
C SER B 142 -19.23 5.13 15.97
N ALA B 143 -19.53 5.55 14.74
CA ALA B 143 -20.64 4.95 14.00
C ALA B 143 -20.33 3.50 13.60
N PHE B 144 -19.08 3.22 13.20
CA PHE B 144 -18.70 1.86 12.89
C PHE B 144 -18.83 0.97 14.13
N ASP B 145 -18.34 1.45 15.27
CA ASP B 145 -18.43 0.68 16.51
C ASP B 145 -19.89 0.43 16.90
N ALA B 146 -20.76 1.40 16.64
CA ALA B 146 -22.16 1.26 17.02
C ALA B 146 -22.85 0.16 16.22
N HIS B 147 -22.56 0.07 14.93
CA HIS B 147 -23.23 -0.88 14.05
C HIS B 147 -22.36 -2.09 13.71
N GLU B 148 -21.22 -2.24 14.39
CA GLU B 148 -20.33 -3.37 14.12
C GLU B 148 -21.00 -4.73 14.32
N PRO B 149 -21.83 -4.97 15.34
CA PRO B 149 -22.48 -6.28 15.45
C PRO B 149 -23.30 -6.66 14.22
N VAL B 150 -23.89 -5.69 13.54
CA VAL B 150 -24.61 -5.98 12.30
C VAL B 150 -23.62 -6.15 11.14
N LEU B 151 -22.58 -5.31 11.09
CA LEU B 151 -21.61 -5.39 10.01
C LEU B 151 -20.80 -6.68 10.06
N ARG B 152 -20.53 -7.20 11.26
CA ARG B 152 -19.82 -8.48 11.37
C ARG B 152 -20.60 -9.60 10.71
N HIS B 153 -21.94 -9.55 10.77
CA HIS B 153 -22.73 -10.62 10.18
C HIS B 153 -22.66 -10.61 8.67
N ILE B 154 -22.40 -9.44 8.06
CA ILE B 154 -22.11 -9.42 6.64
C ILE B 154 -20.80 -10.12 6.36
N GLY B 155 -19.82 -9.94 7.24
CA GLY B 155 -18.60 -10.74 7.12
C GLY B 155 -17.36 -9.88 7.05
N GLY B 156 -16.37 -10.25 7.86
CA GLY B 156 -15.05 -9.67 7.86
C GLY B 156 -14.97 -8.16 7.72
N PRO B 157 -15.49 -7.42 8.69
CA PRO B 157 -15.39 -5.96 8.62
C PRO B 157 -13.98 -5.48 8.95
N ARG B 158 -13.50 -4.53 8.16
CA ARG B 158 -12.16 -3.98 8.34
C ARG B 158 -12.24 -2.45 8.33
N PHE B 159 -12.20 -1.85 9.52
CA PHE B 159 -12.24 -0.40 9.62
C PHE B 159 -10.89 0.20 9.26
N LEU B 160 -10.89 1.17 8.36
CA LEU B 160 -9.67 1.75 7.82
C LEU B 160 -9.35 3.13 8.35
N GLY B 161 -10.34 3.87 8.84
CA GLY B 161 -10.10 5.23 9.28
C GLY B 161 -11.33 6.09 9.02
N GLU B 162 -11.18 7.36 9.37
CA GLU B 162 -12.30 8.29 9.35
C GLU B 162 -12.29 9.22 8.14
N ASP B 163 -11.36 9.02 7.20
CA ASP B 163 -11.51 9.55 5.86
C ASP B 163 -12.47 8.63 5.10
N THR B 164 -13.62 9.17 4.70
CA THR B 164 -14.65 8.37 4.05
C THR B 164 -14.15 7.68 2.79
N GLY B 165 -13.22 8.30 2.06
CA GLY B 165 -12.80 7.78 0.77
C GLY B 165 -11.90 6.56 0.85
N LEU B 166 -11.49 6.15 2.05
CA LEU B 166 -10.49 5.08 2.19
C LEU B 166 -11.00 3.75 1.66
N ALA B 167 -12.26 3.40 1.97
CA ALA B 167 -12.79 2.09 1.63
C ALA B 167 -12.73 1.83 0.12
N GLN B 168 -13.20 2.79 -0.68
CA GLN B 168 -13.17 2.58 -2.12
C GLN B 168 -11.76 2.76 -2.68
N LEU B 169 -10.91 3.52 -1.99
CA LEU B 169 -9.53 3.65 -2.41
C LEU B 169 -8.77 2.34 -2.22
N TYR B 170 -8.92 1.71 -1.05
CA TYR B 170 -8.33 0.40 -0.82
C TYR B 170 -8.85 -0.63 -1.81
N TYR B 171 -10.17 -0.61 -2.04
CA TYR B 171 -10.79 -1.53 -2.98
C TYR B 171 -10.20 -1.38 -4.38
N LEU B 172 -10.11 -0.15 -4.88
CA LEU B 172 -9.56 0.08 -6.22
C LEU B 172 -8.08 -0.28 -6.29
N ALA B 173 -7.35 -0.09 -5.20
CA ALA B 173 -5.92 -0.42 -5.22
C ALA B 173 -5.69 -1.92 -5.28
N HIS B 174 -6.52 -2.70 -4.59
CA HIS B 174 -6.45 -4.15 -4.74
C HIS B 174 -6.76 -4.58 -6.16
N LEU B 175 -7.80 -4.00 -6.76
CA LEU B 175 -8.16 -4.36 -8.13
C LEU B 175 -7.14 -3.83 -9.12
N ASP B 176 -6.47 -2.72 -8.79
CA ASP B 176 -5.34 -2.25 -9.59
C ASP B 176 -4.31 -3.35 -9.79
N VAL B 177 -3.98 -4.08 -8.73
CA VAL B 177 -3.03 -5.19 -8.83
C VAL B 177 -3.62 -6.32 -9.66
N LEU B 178 -4.89 -6.67 -9.39
CA LEU B 178 -5.52 -7.80 -10.07
C LEU B 178 -5.62 -7.56 -11.58
N LEU B 179 -6.18 -6.41 -11.98
CA LEU B 179 -6.41 -6.17 -13.40
C LEU B 179 -5.09 -6.07 -14.17
N THR B 180 -4.11 -5.38 -13.59
CA THR B 180 -2.83 -5.21 -14.28
C THR B 180 -2.09 -6.53 -14.39
N THR B 181 -2.09 -7.33 -13.31
CA THR B 181 -1.44 -8.64 -13.36
C THR B 181 -2.09 -9.54 -14.39
N LEU B 182 -3.44 -9.59 -14.41
CA LEU B 182 -4.13 -10.40 -15.40
C LEU B 182 -3.81 -9.95 -16.81
N ALA B 183 -3.69 -8.64 -17.03
CA ALA B 183 -3.37 -8.13 -18.36
C ALA B 183 -1.99 -8.59 -18.82
N SER B 184 -1.03 -8.65 -17.88
CA SER B 184 0.31 -9.10 -18.26
C SER B 184 0.33 -10.56 -18.65
N VAL B 185 -0.50 -11.38 -18.00
CA VAL B 185 -0.59 -12.80 -18.34
C VAL B 185 -1.09 -13.00 -19.76
N VAL B 186 -2.15 -12.26 -20.13
CA VAL B 186 -2.68 -12.35 -21.48
C VAL B 186 -1.68 -11.78 -22.48
N HIS B 187 -1.02 -10.68 -22.13
CA HIS B 187 -0.06 -10.07 -23.05
C HIS B 187 1.14 -10.97 -23.27
N ALA B 188 1.64 -11.61 -22.22
CA ALA B 188 2.80 -12.50 -22.38
C ALA B 188 2.44 -13.71 -23.24
N THR B 189 1.24 -14.26 -23.06
CA THR B 189 0.82 -15.39 -23.88
C THR B 189 0.71 -14.99 -25.35
N ALA B 190 0.20 -13.79 -25.62
CA ALA B 190 0.13 -13.30 -27.00
C ALA B 190 1.52 -13.08 -27.59
N LEU B 191 2.47 -12.62 -26.77
CA LEU B 191 3.83 -12.41 -27.27
C LEU B 191 4.47 -13.72 -27.70
N VAL B 192 4.16 -14.80 -26.99
CA VAL B 192 4.73 -16.11 -27.33
C VAL B 192 3.94 -16.76 -28.46
N SER B 193 2.62 -16.57 -28.47
CA SER B 193 1.79 -17.12 -29.54
C SER B 193 2.15 -16.55 -30.89
N ALA B 194 2.57 -15.28 -30.94
CA ALA B 194 2.95 -14.67 -32.21
C ALA B 194 4.17 -15.33 -32.82
N ALA B 195 4.92 -16.12 -32.05
CA ALA B 195 6.09 -16.82 -32.56
C ALA B 195 5.84 -18.29 -32.83
N GLY B 196 4.58 -18.74 -32.74
CA GLY B 196 4.22 -20.09 -33.12
C GLY B 196 3.96 -21.04 -31.98
N VAL B 197 4.21 -20.65 -30.74
CA VAL B 197 3.96 -21.52 -29.59
C VAL B 197 2.51 -21.37 -29.17
N ASP B 198 1.83 -22.50 -28.98
CA ASP B 198 0.39 -22.51 -28.75
C ASP B 198 0.05 -21.92 -27.38
N GLU B 199 -1.14 -21.32 -27.29
CA GLU B 199 -1.59 -20.72 -26.03
C GLU B 199 -1.70 -21.76 -24.92
N ALA B 200 -2.14 -22.97 -25.25
CA ALA B 200 -2.23 -24.02 -24.24
C ALA B 200 -0.86 -24.39 -23.68
N ALA B 201 0.20 -24.14 -24.45
CA ALA B 201 1.55 -24.46 -23.98
C ALA B 201 2.10 -23.37 -23.06
N PHE B 202 1.91 -22.09 -23.41
CA PHE B 202 2.56 -21.04 -22.64
C PHE B 202 1.68 -20.42 -21.55
N ALA B 203 0.37 -20.46 -21.68
CA ALA B 203 -0.48 -19.90 -20.63
C ALA B 203 -0.17 -20.45 -19.23
N PRO B 204 0.06 -21.76 -19.04
CA PRO B 204 0.50 -22.21 -17.71
C PRO B 204 1.84 -21.65 -17.29
N GLU B 205 2.73 -21.32 -18.25
CA GLU B 205 3.99 -20.70 -17.89
C GLU B 205 3.78 -19.30 -17.32
N ALA B 206 2.95 -18.50 -17.98
CA ALA B 206 2.67 -17.14 -17.50
C ALA B 206 2.00 -17.18 -16.14
N ILE B 207 1.11 -18.15 -15.92
CA ILE B 207 0.45 -18.30 -14.63
C ILE B 207 1.45 -18.67 -13.54
N ARG B 208 2.36 -19.59 -13.85
CA ARG B 208 3.40 -19.92 -12.88
C ARG B 208 4.26 -18.71 -12.54
N MET B 209 4.52 -17.84 -13.52
CA MET B 209 5.33 -16.66 -13.25
C MET B 209 4.64 -15.71 -12.27
N VAL B 210 3.30 -15.63 -12.32
CA VAL B 210 2.57 -14.86 -11.32
C VAL B 210 2.81 -15.43 -9.93
N ILE B 211 2.66 -16.75 -9.80
CA ILE B 211 2.85 -17.42 -8.53
C ILE B 211 4.28 -17.21 -8.01
N GLU B 212 5.26 -17.36 -8.91
CA GLU B 212 6.65 -17.16 -8.52
C GLU B 212 6.91 -15.70 -8.13
N THR B 213 6.24 -14.76 -8.80
CA THR B 213 6.36 -13.36 -8.41
C THR B 213 5.82 -13.15 -7.01
N GLY B 214 4.67 -13.76 -6.69
CA GLY B 214 4.15 -13.67 -5.34
C GLY B 214 5.08 -14.28 -4.32
N GLN B 215 5.72 -15.41 -4.66
CA GLN B 215 6.65 -16.05 -3.73
C GLN B 215 7.86 -15.15 -3.48
N MET B 216 8.43 -14.59 -4.55
CA MET B 216 9.58 -13.70 -4.39
C MET B 216 9.22 -12.46 -3.59
N LEU B 217 8.02 -11.92 -3.81
CA LEU B 217 7.60 -10.73 -3.06
C LEU B 217 7.50 -11.00 -1.57
N ALA B 218 7.23 -12.25 -1.18
CA ALA B 218 7.03 -12.60 0.22
C ALA B 218 8.25 -13.24 0.86
N ALA B 219 9.41 -13.23 0.20
CA ALA B 219 10.59 -13.91 0.72
C ALA B 219 11.83 -13.04 0.46
N GLU B 220 12.28 -12.34 1.50
CA GLU B 220 13.45 -11.47 1.36
C GLU B 220 14.73 -12.27 1.12
N ALA B 221 14.83 -13.48 1.68
CA ALA B 221 16.07 -14.24 1.60
C ALA B 221 16.42 -14.58 0.16
N GLU B 222 15.49 -15.20 -0.56
CA GLU B 222 15.79 -15.65 -1.91
C GLU B 222 15.96 -14.49 -2.89
N THR B 223 15.46 -13.30 -2.57
CA THR B 223 15.60 -12.16 -3.46
C THR B 223 16.60 -11.12 -2.99
N GLY B 224 16.90 -11.09 -1.68
CA GLY B 224 17.77 -10.05 -1.15
C GLY B 224 17.14 -8.69 -1.04
N LEU B 225 15.83 -8.59 -1.26
CA LEU B 225 15.12 -7.32 -1.26
C LEU B 225 13.80 -7.49 -0.52
N GLU B 226 13.37 -6.41 0.14
CA GLU B 226 12.03 -6.34 0.73
C GLU B 226 11.34 -5.11 0.18
N LEU B 227 10.27 -5.32 -0.60
CA LEU B 227 9.61 -4.22 -1.28
C LEU B 227 9.01 -3.24 -0.29
N ALA B 228 8.28 -3.73 0.70
CA ALA B 228 7.66 -2.83 1.68
C ALA B 228 8.70 -2.00 2.39
N ARG B 229 9.87 -2.59 2.65
CA ARG B 229 10.94 -1.87 3.33
C ARG B 229 11.50 -0.73 2.46
N ASN B 230 11.70 -1.00 1.17
CA ASN B 230 12.19 0.05 0.27
C ASN B 230 11.17 1.19 0.13
N LEU B 231 9.89 0.85 -0.04
CA LEU B 231 8.89 1.89 -0.23
C LEU B 231 8.68 2.70 1.03
N ALA B 232 8.67 2.04 2.20
CA ALA B 232 8.41 2.74 3.46
C ALA B 232 9.58 3.62 3.86
N SER B 233 10.81 3.17 3.59
CA SER B 233 12.00 3.91 3.99
C SER B 233 12.44 4.96 2.97
N GLY B 234 12.08 4.78 1.70
CA GLY B 234 12.57 5.67 0.67
C GLY B 234 13.97 5.36 0.17
N ASN B 235 14.54 4.22 0.57
CA ASN B 235 15.86 3.79 0.09
C ASN B 235 15.70 2.59 -0.83
N HIS B 236 16.34 2.63 -1.99
CA HIS B 236 16.20 1.62 -3.03
C HIS B 236 17.57 1.12 -3.46
N PRO B 237 18.23 0.32 -2.61
CA PRO B 237 19.55 -0.20 -2.99
C PRO B 237 19.44 -1.13 -4.19
N GLY B 238 20.27 -0.87 -5.20
CA GLY B 238 20.16 -1.61 -6.45
C GLY B 238 21.27 -2.60 -6.75
N GLU B 239 22.10 -2.93 -5.76
CA GLU B 239 23.26 -3.78 -6.02
C GLU B 239 22.89 -5.21 -6.44
N LEU B 240 21.64 -5.62 -6.28
CA LEU B 240 21.23 -6.95 -6.73
C LEU B 240 20.43 -6.92 -8.04
N ALA B 241 19.87 -5.77 -8.41
CA ALA B 241 19.14 -5.61 -9.66
C ALA B 241 18.82 -4.14 -9.89
N THR B 242 19.48 -3.52 -10.85
CA THR B 242 19.32 -2.08 -11.07
C THR B 242 18.15 -1.78 -11.98
N ALA B 243 17.65 -0.55 -11.89
CA ALA B 243 16.56 -0.11 -12.75
C ALA B 243 16.99 -0.02 -14.21
N VAL B 244 18.24 0.36 -14.47
CA VAL B 244 18.70 0.45 -15.85
C VAL B 244 18.76 -0.94 -16.49
N MET B 245 19.13 -1.96 -15.71
CA MET B 245 19.17 -3.31 -16.24
C MET B 245 17.77 -3.82 -16.58
N MET B 246 16.83 -3.67 -15.64
CA MET B 246 15.47 -4.11 -15.89
C MET B 246 14.78 -3.23 -16.93
N GLY B 247 15.15 -1.94 -16.99
CA GLY B 247 14.63 -1.10 -18.05
C GLY B 247 15.09 -1.54 -19.43
N ALA B 248 16.29 -2.10 -19.52
CA ALA B 248 16.74 -2.68 -20.79
C ALA B 248 15.83 -3.84 -21.20
N THR B 249 15.49 -4.70 -20.25
CA THR B 249 14.55 -5.79 -20.52
C THR B 249 13.18 -5.24 -20.93
N ALA B 250 12.74 -4.15 -20.30
CA ALA B 250 11.49 -3.52 -20.72
C ALA B 250 11.58 -3.07 -22.18
N ASP B 251 12.73 -2.51 -22.58
CA ASP B 251 12.93 -2.15 -23.98
C ASP B 251 12.93 -3.39 -24.88
N HIS B 252 13.48 -4.50 -24.38
CA HIS B 252 13.52 -5.72 -25.18
C HIS B 252 12.11 -6.27 -25.39
N ILE B 253 11.25 -6.20 -24.37
CA ILE B 253 9.88 -6.66 -24.51
C ILE B 253 9.13 -5.82 -25.54
N VAL B 254 9.27 -4.50 -25.46
CA VAL B 254 8.63 -3.62 -26.45
C VAL B 254 9.14 -3.95 -27.85
N SER B 255 10.45 -4.14 -27.99
CA SER B 255 11.04 -4.47 -29.28
C SER B 255 10.47 -5.78 -29.83
N ALA B 256 10.41 -6.81 -28.98
CA ALA B 256 9.86 -8.10 -29.43
C ALA B 256 8.40 -7.97 -29.82
N ALA B 257 7.61 -7.24 -29.02
CA ALA B 257 6.19 -7.09 -29.34
C ALA B 257 6.00 -6.29 -30.62
N LYS B 258 6.78 -5.23 -30.80
CA LYS B 258 6.68 -4.40 -32.00
C LYS B 258 7.03 -5.19 -33.25
N GLY B 259 8.07 -6.03 -33.17
CA GLY B 259 8.48 -6.84 -34.31
C GLY B 259 7.54 -7.97 -34.65
N SER B 260 6.63 -8.33 -33.74
CA SER B 260 5.70 -9.44 -33.99
C SER B 260 4.25 -9.00 -34.01
N GLY B 261 3.99 -7.68 -34.05
CA GLY B 261 2.63 -7.20 -34.18
C GLY B 261 1.76 -7.38 -32.96
N VAL B 262 2.34 -7.43 -31.77
CA VAL B 262 1.59 -7.55 -30.54
C VAL B 262 1.37 -6.15 -29.97
N ASP B 263 0.20 -5.93 -29.37
CA ASP B 263 -0.17 -4.60 -28.88
C ASP B 263 0.88 -4.05 -27.93
N LEU B 264 1.17 -2.75 -28.05
CA LEU B 264 2.29 -2.12 -27.39
C LEU B 264 1.93 -1.32 -26.15
N VAL B 265 0.65 -1.03 -25.90
CA VAL B 265 0.30 -0.07 -24.87
CA VAL B 265 0.27 -0.09 -24.86
C VAL B 265 0.75 -0.55 -23.49
N LEU B 266 0.62 -1.85 -23.20
CA LEU B 266 1.00 -2.33 -21.88
C LEU B 266 2.51 -2.34 -21.69
N PRO B 267 3.33 -2.95 -22.56
CA PRO B 267 4.78 -2.92 -22.33
C PRO B 267 5.38 -1.54 -22.46
N GLU B 268 4.81 -0.66 -23.30
CA GLU B 268 5.35 0.70 -23.38
C GLU B 268 5.04 1.49 -22.11
N ALA B 269 3.97 1.13 -21.40
CA ALA B 269 3.73 1.72 -20.09
C ALA B 269 4.82 1.32 -19.10
N VAL B 270 5.14 0.03 -19.05
CA VAL B 270 6.23 -0.44 -18.18
C VAL B 270 7.55 0.22 -18.58
N LYS B 271 7.79 0.35 -19.89
CA LYS B 271 8.99 1.01 -20.37
C LYS B 271 9.02 2.48 -19.98
N SER B 272 7.85 3.14 -20.01
CA SER B 272 7.76 4.53 -19.59
C SER B 272 8.22 4.70 -18.15
N LEU B 273 7.82 3.79 -17.27
CA LEU B 273 8.21 3.89 -15.86
C LEU B 273 9.71 3.72 -15.68
N TYR B 274 10.31 2.75 -16.36
CA TYR B 274 11.75 2.54 -16.22
C TYR B 274 12.53 3.67 -16.87
N ASP B 275 12.09 4.15 -18.03
CA ASP B 275 12.79 5.26 -18.69
C ASP B 275 12.82 6.49 -17.79
N ARG B 276 11.69 6.81 -17.15
CA ARG B 276 11.65 8.00 -16.30
C ARG B 276 12.38 7.78 -14.99
N THR B 277 12.41 6.54 -14.48
CA THR B 277 13.20 6.24 -13.29
C THR B 277 14.68 6.46 -13.55
N VAL B 278 15.17 6.01 -14.71
CA VAL B 278 16.56 6.23 -15.07
C VAL B 278 16.81 7.71 -15.34
N ALA B 279 15.87 8.39 -15.98
CA ALA B 279 16.05 9.81 -16.27
C ALA B 279 16.09 10.64 -14.99
N ALA B 280 15.40 10.21 -13.94
CA ALA B 280 15.43 10.92 -12.66
C ALA B 280 16.68 10.64 -11.85
N GLY B 281 17.63 9.86 -12.38
CA GLY B 281 18.87 9.59 -11.69
C GLY B 281 18.90 8.33 -10.85
N HIS B 282 17.88 7.48 -10.95
CA HIS B 282 17.81 6.26 -10.15
C HIS B 282 18.25 5.03 -10.95
N GLY B 283 19.04 5.21 -12.01
CA GLY B 283 19.40 4.08 -12.85
C GLY B 283 20.13 2.98 -12.10
N LYS B 284 21.01 3.35 -11.18
CA LYS B 284 21.77 2.38 -10.40
C LYS B 284 21.02 1.89 -9.17
N ASP B 285 19.86 2.45 -8.88
CA ASP B 285 19.05 2.04 -7.75
C ASP B 285 18.17 0.85 -8.15
N SER B 286 17.47 0.30 -7.16
CA SER B 286 16.57 -0.82 -7.40
C SER B 286 15.42 -0.42 -8.31
N TRP B 287 14.72 -1.43 -8.84
CA TRP B 287 13.50 -1.17 -9.58
C TRP B 287 12.43 -0.52 -8.70
N THR B 288 12.48 -0.78 -7.39
CA THR B 288 11.52 -0.16 -6.47
C THR B 288 11.59 1.35 -6.50
N ALA B 289 12.66 1.93 -7.05
CA ALA B 289 12.80 3.38 -7.12
C ALA B 289 11.79 4.03 -8.06
N MET B 290 11.11 3.25 -8.90
CA MET B 290 10.04 3.83 -9.72
C MET B 290 8.92 4.39 -8.87
N TYR B 291 8.84 3.99 -7.59
CA TYR B 291 7.88 4.58 -6.67
C TYR B 291 8.06 6.09 -6.54
N GLU B 292 9.31 6.56 -6.64
CA GLU B 292 9.55 8.00 -6.58
C GLU B 292 9.05 8.72 -7.83
N ILE B 293 8.86 7.99 -8.93
CA ILE B 293 8.24 8.56 -10.13
C ILE B 293 6.72 8.44 -10.07
N ILE B 294 6.20 7.36 -9.48
CA ILE B 294 4.76 7.10 -9.51
C ILE B 294 4.04 7.91 -8.44
N LYS B 295 4.64 8.02 -7.25
CA LYS B 295 3.92 8.54 -6.09
C LYS B 295 3.52 10.00 -6.29
N LYS B 296 2.52 10.42 -5.51
CA LYS B 296 2.08 11.80 -5.49
C LYS B 296 3.22 12.73 -5.09
N LYS B 297 3.32 13.87 -5.77
CA LYS B 297 4.38 14.84 -5.46
C LYS B 297 4.20 15.41 -4.06
N ALA B 298 5.28 15.96 -3.53
CA ALA B 298 5.27 16.57 -2.19
C ALA B 298 4.21 17.65 -2.07
N LYS C 4 41.24 -30.21 -11.60
CA LYS C 4 41.02 -31.29 -12.54
C LYS C 4 39.64 -31.21 -13.19
N LYS C 5 38.75 -30.44 -12.58
CA LYS C 5 37.45 -30.19 -13.18
C LYS C 5 37.60 -29.20 -14.34
N SER C 6 36.60 -29.20 -15.22
CA SER C 6 36.70 -28.43 -16.46
C SER C 6 36.73 -26.93 -16.16
N PRO C 7 37.59 -26.18 -16.84
CA PRO C 7 37.61 -24.73 -16.64
C PRO C 7 36.38 -24.07 -17.25
N VAL C 8 36.01 -22.92 -16.68
CA VAL C 8 34.89 -22.12 -17.15
C VAL C 8 35.34 -20.67 -17.19
N THR C 9 34.93 -19.95 -18.22
CA THR C 9 35.13 -18.51 -18.31
C THR C 9 33.79 -17.81 -18.18
N LEU C 10 33.74 -16.76 -17.36
CA LEU C 10 32.53 -15.96 -17.20
C LEU C 10 32.90 -14.49 -17.36
N ILE C 11 32.13 -13.78 -18.19
CA ILE C 11 32.38 -12.38 -18.51
C ILE C 11 31.13 -11.59 -18.11
N GLY C 12 31.32 -10.51 -17.36
CA GLY C 12 30.21 -9.74 -16.85
C GLY C 12 29.97 -10.03 -15.39
N LEU C 13 30.46 -9.13 -14.53
CA LEU C 13 30.48 -9.42 -13.10
C LEU C 13 29.50 -8.54 -12.32
N GLY C 14 28.26 -8.45 -12.81
CA GLY C 14 27.19 -7.90 -12.02
C GLY C 14 26.78 -8.88 -10.96
N PRO C 15 25.65 -8.62 -10.29
CA PRO C 15 25.21 -9.55 -9.23
C PRO C 15 24.98 -10.98 -9.71
N MET C 16 24.43 -11.15 -10.92
CA MET C 16 24.23 -12.51 -11.43
C MET C 16 25.56 -13.17 -11.76
N GLY C 17 26.44 -12.44 -12.46
CA GLY C 17 27.75 -13.00 -12.77
C GLY C 17 28.52 -13.41 -11.53
N GLN C 18 28.52 -12.56 -10.50
CA GLN C 18 29.23 -12.88 -9.27
C GLN C 18 28.65 -14.12 -8.60
N ALA C 19 27.32 -14.25 -8.57
CA ALA C 19 26.71 -15.42 -7.95
C ALA C 19 26.99 -16.68 -8.75
N MET C 20 27.01 -16.57 -10.08
CA MET C 20 27.33 -17.74 -10.90
C MET C 20 28.78 -18.17 -10.71
N VAL C 21 29.71 -17.20 -10.67
CA VAL C 21 31.12 -17.53 -10.42
C VAL C 21 31.26 -18.24 -9.08
N ARG C 22 30.60 -17.71 -8.04
CA ARG C 22 30.73 -18.30 -6.71
C ARG C 22 30.11 -19.71 -6.66
N THR C 23 29.06 -19.94 -7.44
CA THR C 23 28.49 -21.28 -7.52
C THR C 23 29.44 -22.26 -8.20
N LEU C 24 30.08 -21.82 -9.29
CA LEU C 24 30.99 -22.72 -10.01
C LEU C 24 32.28 -22.96 -9.21
N LEU C 25 32.78 -21.92 -8.54
CA LEU C 25 33.90 -22.12 -7.62
C LEU C 25 33.54 -23.11 -6.51
N GLY C 26 32.32 -23.00 -5.99
CA GLY C 26 31.89 -23.93 -4.95
C GLY C 26 31.81 -25.36 -5.45
N GLN C 27 31.48 -25.54 -6.73
CA GLN C 27 31.50 -26.86 -7.34
C GLN C 27 32.90 -27.36 -7.66
N GLY C 28 33.92 -26.53 -7.45
CA GLY C 28 35.28 -26.96 -7.68
C GLY C 28 35.85 -26.67 -9.05
N HIS C 29 35.13 -25.89 -9.88
CA HIS C 29 35.67 -25.58 -11.19
C HIS C 29 36.62 -24.39 -11.11
N PRO C 30 37.75 -24.45 -11.81
CA PRO C 30 38.56 -23.24 -12.01
C PRO C 30 37.81 -22.26 -12.90
N VAL C 31 37.67 -21.03 -12.43
CA VAL C 31 36.86 -20.02 -13.11
C VAL C 31 37.76 -18.84 -13.47
N THR C 32 37.79 -18.51 -14.75
CA THR C 32 38.45 -17.32 -15.25
C THR C 32 37.40 -16.25 -15.51
N VAL C 33 37.66 -15.03 -15.07
CA VAL C 33 36.69 -13.95 -15.18
C VAL C 33 37.32 -12.75 -15.87
N TRP C 34 36.46 -11.93 -16.45
CA TRP C 34 36.85 -10.63 -16.98
C TRP C 34 35.65 -9.71 -16.87
N ASN C 35 35.92 -8.42 -16.67
CA ASN C 35 34.85 -7.44 -16.51
C ASN C 35 35.33 -6.09 -17.04
N ARG C 36 34.37 -5.30 -17.51
CA ARG C 36 34.67 -3.93 -17.92
C ARG C 36 35.31 -3.14 -16.77
N THR C 37 34.76 -3.31 -15.56
CA THR C 37 35.30 -2.67 -14.37
C THR C 37 36.11 -3.72 -13.59
N PRO C 38 37.44 -3.71 -13.65
CA PRO C 38 38.22 -4.80 -13.06
C PRO C 38 38.07 -4.91 -11.54
N SER C 39 37.78 -3.80 -10.85
CA SER C 39 37.68 -3.83 -9.40
C SER C 39 36.58 -4.77 -8.91
N ARG C 40 35.55 -5.02 -9.71
CA ARG C 40 34.48 -5.91 -9.26
C ARG C 40 34.94 -7.35 -9.14
N ALA C 41 36.04 -7.72 -9.80
CA ALA C 41 36.54 -9.09 -9.68
C ALA C 41 37.33 -9.33 -8.40
N GLU C 42 37.74 -8.27 -7.69
CA GLU C 42 38.64 -8.43 -6.55
C GLU C 42 38.14 -9.43 -5.51
N PRO C 43 36.90 -9.35 -5.02
CA PRO C 43 36.45 -10.37 -4.07
C PRO C 43 36.35 -11.76 -4.67
N LEU C 44 36.06 -11.86 -5.97
CA LEU C 44 36.01 -13.18 -6.61
C LEU C 44 37.40 -13.80 -6.69
N VAL C 45 38.42 -12.98 -6.94
CA VAL C 45 39.80 -13.49 -6.96
C VAL C 45 40.20 -14.01 -5.59
N VAL C 46 39.81 -13.30 -4.53
CA VAL C 46 40.07 -13.76 -3.17
C VAL C 46 39.49 -15.15 -2.95
N GLU C 47 38.32 -15.40 -3.53
CA GLU C 47 37.64 -16.68 -3.35
C GLU C 47 38.10 -17.75 -4.31
N GLY C 48 39.06 -17.46 -5.18
CA GLY C 48 39.67 -18.47 -6.03
C GLY C 48 39.55 -18.23 -7.53
N ALA C 49 38.85 -17.20 -7.97
CA ALA C 49 38.75 -16.94 -9.41
C ALA C 49 40.05 -16.30 -9.91
N ARG C 50 40.33 -16.51 -11.20
CA ARG C 50 41.48 -15.89 -11.85
C ARG C 50 40.98 -14.77 -12.75
N LEU C 51 41.53 -13.57 -12.55
CA LEU C 51 41.20 -12.43 -13.38
C LEU C 51 42.07 -12.46 -14.64
N ALA C 52 41.43 -12.56 -15.80
CA ALA C 52 42.17 -12.56 -17.05
C ALA C 52 42.64 -11.15 -17.39
N ALA C 53 43.73 -11.08 -18.16
CA ALA C 53 44.31 -9.79 -18.52
C ALA C 53 43.53 -9.07 -19.62
N SER C 54 42.73 -9.80 -20.38
CA SER C 54 42.01 -9.23 -21.51
C SER C 54 40.85 -10.16 -21.86
N PRO C 55 39.86 -9.67 -22.62
CA PRO C 55 38.82 -10.58 -23.11
C PRO C 55 39.38 -11.71 -23.97
N THR C 56 40.41 -11.41 -24.78
CA THR C 56 41.04 -12.46 -25.58
C THR C 56 41.56 -13.59 -24.70
N GLU C 57 42.31 -13.25 -23.64
CA GLU C 57 42.82 -14.29 -22.75
C GLU C 57 41.69 -15.02 -22.05
N ALA C 58 40.65 -14.30 -21.61
CA ALA C 58 39.55 -14.93 -20.89
C ALA C 58 38.83 -15.94 -21.78
N VAL C 59 38.47 -15.53 -23.00
CA VAL C 59 37.71 -16.39 -23.90
C VAL C 59 38.50 -17.65 -24.24
N ALA C 60 39.81 -17.51 -24.46
CA ALA C 60 40.64 -18.63 -24.87
C ALA C 60 41.08 -19.51 -23.72
N SER C 61 40.66 -19.21 -22.48
CA SER C 61 41.05 -20.01 -21.33
C SER C 61 40.14 -21.20 -21.10
N SER C 62 38.95 -21.23 -21.69
CA SER C 62 37.99 -22.30 -21.43
C SER C 62 37.20 -22.59 -22.69
N ASP C 63 36.71 -23.83 -22.79
CA ASP C 63 35.80 -24.20 -23.87
C ASP C 63 34.39 -23.69 -23.63
N LEU C 64 34.06 -23.33 -22.40
CA LEU C 64 32.73 -22.82 -22.04
C LEU C 64 32.87 -21.37 -21.60
N VAL C 65 32.23 -20.47 -22.34
CA VAL C 65 32.28 -19.04 -22.07
C VAL C 65 30.88 -18.57 -21.75
N ILE C 66 30.66 -18.17 -20.49
CA ILE C 66 29.36 -17.69 -20.04
C ILE C 66 29.37 -16.16 -20.00
N LEU C 67 28.34 -15.55 -20.57
CA LEU C 67 28.21 -14.10 -20.61
C LEU C 67 27.02 -13.67 -19.78
N SER C 68 27.23 -12.69 -18.89
CA SER C 68 26.21 -12.16 -18.00
C SER C 68 26.26 -10.64 -18.09
N LEU C 69 25.58 -10.09 -19.09
CA LEU C 69 25.69 -8.67 -19.44
C LEU C 69 24.30 -8.07 -19.56
N THR C 70 24.26 -6.73 -19.51
CA THR C 70 22.99 -6.01 -19.56
C THR C 70 22.22 -6.31 -20.84
N ASP C 71 22.94 -6.41 -21.97
CA ASP C 71 22.31 -6.71 -23.26
C ASP C 71 23.36 -7.31 -24.19
N TYR C 72 22.93 -7.58 -25.43
CA TYR C 72 23.85 -8.18 -26.41
C TYR C 72 24.80 -7.16 -27.00
N GLN C 73 24.46 -5.87 -26.97
CA GLN C 73 25.42 -4.85 -27.40
C GLN C 73 26.66 -4.87 -26.52
N ALA C 74 26.49 -5.19 -25.23
CA ALA C 74 27.64 -5.33 -24.35
C ALA C 74 28.54 -6.48 -24.78
N MET C 75 27.94 -7.56 -25.28
CA MET C 75 28.74 -8.67 -25.79
C MET C 75 29.61 -8.21 -26.95
N TYR C 76 29.02 -7.46 -27.90
CA TYR C 76 29.82 -6.99 -29.03
C TYR C 76 30.90 -6.02 -28.59
N ASP C 77 30.59 -5.15 -27.62
CA ASP C 77 31.59 -4.20 -27.13
C ASP C 77 32.80 -4.92 -26.56
N ILE C 78 32.58 -6.03 -25.85
CA ILE C 78 33.68 -6.75 -25.21
C ILE C 78 34.39 -7.65 -26.20
N LEU C 79 33.63 -8.40 -27.00
CA LEU C 79 34.20 -9.43 -27.85
C LEU C 79 34.65 -8.92 -29.22
N SER C 80 34.44 -7.63 -29.51
CA SER C 80 34.94 -7.07 -30.76
C SER C 80 36.46 -7.16 -30.85
N THR C 81 37.14 -7.09 -29.70
CA THR C 81 38.59 -7.15 -29.63
C THR C 81 39.12 -8.57 -29.53
N ALA C 82 38.25 -9.58 -29.50
CA ALA C 82 38.66 -10.95 -29.22
C ALA C 82 38.02 -11.94 -30.18
N GLU C 83 37.68 -11.50 -31.39
CA GLU C 83 37.02 -12.40 -32.34
C GLU C 83 37.94 -13.55 -32.73
N SER C 84 39.25 -13.31 -32.79
CA SER C 84 40.19 -14.37 -33.15
C SER C 84 40.28 -15.48 -32.11
N ALA C 85 39.83 -15.21 -30.88
CA ALA C 85 39.88 -16.20 -29.82
C ALA C 85 38.61 -17.05 -29.72
N LEU C 86 37.58 -16.72 -30.49
CA LEU C 86 36.28 -17.39 -30.34
C LEU C 86 36.24 -18.78 -30.94
N ALA C 87 37.19 -19.13 -31.80
CA ALA C 87 37.12 -20.38 -32.55
C ALA C 87 37.16 -21.58 -31.61
N GLY C 88 36.23 -22.52 -31.83
CA GLY C 88 36.27 -23.79 -31.14
C GLY C 88 35.79 -23.79 -29.71
N ARG C 89 34.81 -22.96 -29.36
CA ARG C 89 34.26 -23.00 -28.01
C ARG C 89 32.79 -22.59 -28.06
N THR C 90 32.12 -22.79 -26.93
CA THR C 90 30.69 -22.55 -26.81
C THR C 90 30.45 -21.29 -25.98
N ILE C 91 29.69 -20.37 -26.55
CA ILE C 91 29.27 -19.15 -25.86
C ILE C 91 27.86 -19.37 -25.35
N VAL C 92 27.69 -19.33 -24.04
CA VAL C 92 26.38 -19.40 -23.41
C VAL C 92 26.07 -17.98 -22.94
N ASN C 93 25.20 -17.29 -23.67
CA ASN C 93 24.84 -15.91 -23.36
C ASN C 93 23.59 -15.92 -22.49
N LEU C 94 23.74 -15.48 -21.25
CA LEU C 94 22.64 -15.41 -20.28
C LEU C 94 22.17 -13.97 -20.09
N SER C 95 22.07 -13.22 -21.19
CA SER C 95 21.74 -11.81 -21.14
C SER C 95 20.40 -11.55 -21.83
N SER C 96 19.70 -10.52 -21.36
CA SER C 96 18.43 -10.12 -21.96
C SER C 96 18.65 -9.36 -23.25
N ASP C 97 17.82 -9.64 -24.25
CA ASP C 97 17.79 -8.86 -25.49
C ASP C 97 16.56 -9.30 -26.29
N ASP C 98 16.46 -8.78 -27.52
CA ASP C 98 15.40 -9.11 -28.47
C ASP C 98 15.68 -10.46 -29.14
N PRO C 99 14.65 -11.27 -29.37
CA PRO C 99 14.89 -12.61 -29.94
C PRO C 99 15.57 -12.59 -31.31
N ASP C 100 15.31 -11.57 -32.14
CA ASP C 100 15.97 -11.49 -33.44
C ASP C 100 17.42 -11.06 -33.30
N VAL C 101 17.71 -10.14 -32.37
CA VAL C 101 19.10 -9.81 -32.05
C VAL C 101 19.84 -11.06 -31.59
N THR C 102 19.16 -11.91 -30.83
CA THR C 102 19.75 -13.15 -30.34
C THR C 102 20.09 -14.09 -31.48
N ARG C 103 19.16 -14.28 -32.42
CA ARG C 103 19.41 -15.14 -33.57
C ARG C 103 20.56 -14.61 -34.41
N GLU C 104 20.61 -13.29 -34.59
CA GLU C 104 21.70 -12.70 -35.36
C GLU C 104 23.05 -12.91 -34.67
N ALA C 105 23.07 -12.93 -33.34
CA ALA C 105 24.31 -13.21 -32.62
C ALA C 105 24.78 -14.64 -32.81
N ALA C 106 23.84 -15.59 -32.95
CA ALA C 106 24.24 -16.98 -33.17
C ALA C 106 24.95 -17.14 -34.50
N LYS C 107 24.51 -16.41 -35.52
CA LYS C 107 25.20 -16.43 -36.80
C LYS C 107 26.56 -15.75 -36.71
N TRP C 108 26.64 -14.64 -35.98
CA TRP C 108 27.92 -13.97 -35.79
C TRP C 108 28.92 -14.87 -35.07
N ALA C 109 28.43 -15.64 -34.10
CA ALA C 109 29.31 -16.56 -33.37
C ALA C 109 29.83 -17.66 -34.30
N ALA C 110 28.95 -18.24 -35.12
CA ALA C 110 29.38 -19.30 -36.04
C ALA C 110 30.36 -18.77 -37.09
N LYS C 111 30.22 -17.50 -37.48
CA LYS C 111 31.16 -16.91 -38.42
C LYS C 111 32.58 -16.93 -37.89
N HIS C 112 32.76 -16.86 -36.57
CA HIS C 112 34.07 -16.90 -35.96
C HIS C 112 34.37 -18.25 -35.32
N GLY C 113 33.69 -19.31 -35.75
CA GLY C 113 34.03 -20.65 -35.32
C GLY C 113 33.59 -21.01 -33.91
N ALA C 114 32.54 -20.37 -33.40
CA ALA C 114 32.04 -20.63 -32.06
C ALA C 114 30.59 -21.12 -32.12
N THR C 115 30.24 -21.99 -31.18
CA THR C 115 28.85 -22.39 -30.98
C THR C 115 28.19 -21.43 -30.00
N PHE C 116 26.89 -21.20 -30.20
CA PHE C 116 26.15 -20.19 -29.43
C PHE C 116 24.89 -20.81 -28.83
N ILE C 117 24.76 -20.67 -27.51
CA ILE C 117 23.54 -21.04 -26.80
C ILE C 117 23.02 -19.81 -26.07
N ALA C 118 21.73 -19.55 -26.21
CA ALA C 118 21.07 -18.46 -25.51
C ALA C 118 20.38 -19.00 -24.26
N GLY C 119 20.47 -18.25 -23.18
CA GLY C 119 19.89 -18.67 -21.92
C GLY C 119 19.20 -17.53 -21.22
N GLY C 120 18.17 -17.87 -20.45
CA GLY C 120 17.44 -16.90 -19.66
C GLY C 120 17.28 -17.36 -18.23
N VAL C 121 18.03 -16.74 -17.33
CA VAL C 121 18.01 -17.09 -15.91
C VAL C 121 16.73 -16.52 -15.30
N MET C 122 15.98 -17.37 -14.60
CA MET C 122 14.64 -17.01 -14.17
C MET C 122 14.54 -16.73 -12.66
N ILE C 123 15.67 -16.53 -11.99
CA ILE C 123 15.67 -16.30 -10.54
C ILE C 123 16.68 -15.22 -10.20
N PRO C 124 16.46 -14.51 -9.09
CA PRO C 124 17.40 -13.44 -8.71
C PRO C 124 18.70 -14.01 -8.20
N ALA C 125 19.66 -13.11 -7.99
CA ALA C 125 21.03 -13.50 -7.65
C ALA C 125 21.13 -14.36 -6.40
N PRO C 126 20.49 -14.04 -5.28
CA PRO C 126 20.62 -14.90 -4.09
C PRO C 126 20.07 -16.30 -4.29
N THR C 127 19.24 -16.52 -5.30
CA THR C 127 18.67 -17.84 -5.57
C THR C 127 19.50 -18.65 -6.57
N VAL C 128 20.50 -18.04 -7.21
CA VAL C 128 21.37 -18.77 -8.12
C VAL C 128 22.01 -19.94 -7.37
N GLY C 129 22.05 -21.10 -8.02
CA GLY C 129 22.68 -22.28 -7.46
C GLY C 129 21.86 -23.05 -6.45
N THR C 130 20.67 -22.57 -6.11
CA THR C 130 19.82 -23.25 -5.15
C THR C 130 18.83 -24.18 -5.85
N GLU C 131 18.10 -24.96 -5.05
CA GLU C 131 17.14 -25.90 -5.62
C GLU C 131 16.03 -25.19 -6.38
N ALA C 132 15.71 -23.95 -6.01
CA ALA C 132 14.63 -23.22 -6.66
C ALA C 132 15.04 -22.60 -7.98
N ALA C 133 16.33 -22.54 -8.29
CA ALA C 133 16.79 -21.88 -9.50
C ALA C 133 16.45 -22.71 -10.73
N TYR C 134 16.19 -22.01 -11.83
CA TYR C 134 16.02 -22.67 -13.13
C TYR C 134 16.33 -21.66 -14.22
N VAL C 135 16.72 -22.18 -15.38
CA VAL C 135 17.22 -21.38 -16.49
C VAL C 135 16.67 -21.97 -17.79
N PHE C 136 16.15 -21.12 -18.67
CA PHE C 136 15.74 -21.55 -20.00
C PHE C 136 16.95 -21.57 -20.92
N TYR C 137 17.04 -22.59 -21.78
CA TYR C 137 18.10 -22.68 -22.77
C TYR C 137 17.51 -23.03 -24.13
N SER C 138 18.15 -22.54 -25.19
CA SER C 138 17.77 -22.92 -26.54
C SER C 138 18.98 -22.74 -27.45
N GLY C 139 19.04 -23.57 -28.50
CA GLY C 139 20.19 -23.63 -29.37
C GLY C 139 20.53 -25.06 -29.74
N PRO C 140 21.74 -25.28 -30.24
CA PRO C 140 22.15 -26.65 -30.61
C PRO C 140 22.12 -27.58 -29.40
N LYS C 141 21.24 -28.58 -29.46
CA LYS C 141 21.07 -29.50 -28.34
C LYS C 141 22.35 -30.26 -28.02
N SER C 142 23.16 -30.54 -29.04
CA SER C 142 24.41 -31.27 -28.82
C SER C 142 25.41 -30.43 -28.03
N ALA C 143 25.52 -29.14 -28.36
CA ALA C 143 26.39 -28.26 -27.59
C ALA C 143 25.86 -28.05 -26.18
N PHE C 144 24.54 -28.06 -26.01
CA PHE C 144 23.96 -27.94 -24.67
C PHE C 144 24.28 -29.15 -23.81
N ASP C 145 24.07 -30.35 -24.35
CA ASP C 145 24.37 -31.57 -23.61
C ASP C 145 25.83 -31.64 -23.21
N ALA C 146 26.73 -31.09 -24.02
CA ALA C 146 28.14 -31.14 -23.69
C ALA C 146 28.45 -30.32 -22.43
N HIS C 147 27.78 -29.18 -22.25
CA HIS C 147 28.05 -28.31 -21.11
C HIS C 147 26.98 -28.35 -20.04
N GLU C 148 25.90 -29.11 -20.26
CA GLU C 148 24.86 -29.26 -19.25
C GLU C 148 25.38 -29.73 -17.88
N PRO C 149 26.33 -30.67 -17.78
CA PRO C 149 26.81 -31.05 -16.43
C PRO C 149 27.36 -29.89 -15.62
N VAL C 150 27.86 -28.85 -16.28
CA VAL C 150 28.33 -27.66 -15.57
C VAL C 150 27.20 -26.64 -15.38
N LEU C 151 26.44 -26.37 -16.45
CA LEU C 151 25.43 -25.33 -16.41
C LEU C 151 24.33 -25.64 -15.40
N ARG C 152 24.05 -26.92 -15.16
CA ARG C 152 22.99 -27.33 -14.25
C ARG C 152 23.21 -26.80 -12.83
N HIS C 153 24.46 -26.56 -12.44
CA HIS C 153 24.71 -26.07 -11.09
C HIS C 153 24.24 -24.62 -10.90
N ILE C 154 24.08 -23.89 -12.00
CA ILE C 154 23.49 -22.55 -11.92
C ILE C 154 22.01 -22.64 -11.59
N GLY C 155 21.32 -23.62 -12.19
CA GLY C 155 19.90 -23.84 -11.95
C GLY C 155 19.35 -24.89 -12.88
N GLY C 156 18.23 -25.50 -12.52
CA GLY C 156 17.60 -26.54 -13.32
C GLY C 156 17.40 -26.10 -14.76
N PRO C 157 18.11 -26.75 -15.69
CA PRO C 157 18.05 -26.32 -17.09
C PRO C 157 16.77 -26.80 -17.77
N ARG C 158 16.08 -25.88 -18.44
CA ARG C 158 14.92 -26.21 -19.26
C ARG C 158 15.30 -25.92 -20.71
N PHE C 159 15.71 -26.97 -21.43
CA PHE C 159 16.03 -26.83 -22.85
C PHE C 159 14.72 -26.79 -23.65
N LEU C 160 14.53 -25.72 -24.41
CA LEU C 160 13.29 -25.47 -25.13
C LEU C 160 13.31 -25.96 -26.57
N GLY C 161 14.41 -25.76 -27.29
CA GLY C 161 14.47 -26.21 -28.67
C GLY C 161 15.71 -25.67 -29.36
N GLU C 162 15.77 -25.91 -30.68
CA GLU C 162 16.93 -25.54 -31.48
C GLU C 162 16.98 -24.05 -31.79
N ASP C 163 15.84 -23.39 -31.89
CA ASP C 163 15.80 -21.96 -32.18
C ASP C 163 16.47 -21.18 -31.05
N THR C 164 17.61 -20.54 -31.36
CA THR C 164 18.35 -19.79 -30.35
C THR C 164 17.51 -18.70 -29.70
N GLY C 165 16.64 -18.06 -30.48
CA GLY C 165 15.78 -17.03 -29.93
C GLY C 165 14.64 -17.51 -29.07
N LEU C 166 14.45 -18.83 -28.95
CA LEU C 166 13.29 -19.34 -28.22
C LEU C 166 13.44 -19.09 -26.71
N ALA C 167 14.62 -19.37 -26.15
CA ALA C 167 14.84 -19.11 -24.74
C ALA C 167 14.78 -17.62 -24.44
N GLN C 168 15.28 -16.79 -25.36
CA GLN C 168 15.18 -15.34 -25.18
C GLN C 168 13.73 -14.90 -25.19
N LEU C 169 12.92 -15.45 -26.10
CA LEU C 169 11.50 -15.12 -26.13
C LEU C 169 10.82 -15.53 -24.83
N TYR C 170 11.13 -16.73 -24.32
CA TYR C 170 10.54 -17.18 -23.07
C TYR C 170 10.96 -16.29 -21.91
N TYR C 171 12.22 -15.85 -21.89
CA TYR C 171 12.67 -14.92 -20.87
C TYR C 171 11.88 -13.62 -20.92
N LEU C 172 11.75 -13.05 -22.11
CA LEU C 172 11.05 -11.77 -22.26
C LEU C 172 9.59 -11.88 -21.81
N ALA C 173 8.95 -13.01 -22.12
CA ALA C 173 7.52 -13.15 -21.81
C ALA C 173 7.30 -13.38 -20.32
N HIS C 174 8.19 -14.13 -19.67
CA HIS C 174 8.13 -14.23 -18.22
C HIS C 174 8.38 -12.88 -17.56
N LEU C 175 9.30 -12.10 -18.11
CA LEU C 175 9.56 -10.76 -17.58
C LEU C 175 8.43 -9.81 -17.90
N ASP C 176 7.72 -10.03 -19.01
CA ASP C 176 6.50 -9.29 -19.29
C ASP C 176 5.54 -9.41 -18.10
N VAL C 177 5.36 -10.63 -17.60
CA VAL C 177 4.53 -10.85 -16.42
C VAL C 177 5.16 -10.22 -15.18
N LEU C 178 6.46 -10.47 -14.98
CA LEU C 178 7.11 -10.04 -13.74
C LEU C 178 7.18 -8.52 -13.64
N LEU C 179 7.72 -7.86 -14.67
CA LEU C 179 7.87 -6.41 -14.61
C LEU C 179 6.53 -5.70 -14.48
N THR C 180 5.52 -6.17 -15.21
CA THR C 180 4.22 -5.52 -15.15
C THR C 180 3.55 -5.75 -13.80
N THR C 181 3.63 -6.97 -13.27
CA THR C 181 3.04 -7.27 -11.96
C THR C 181 3.72 -6.46 -10.87
N LEU C 182 5.06 -6.43 -10.86
CA LEU C 182 5.79 -5.61 -9.90
C LEU C 182 5.38 -4.15 -10.00
N ALA C 183 5.26 -3.63 -11.22
CA ALA C 183 4.86 -2.23 -11.37
C ALA C 183 3.47 -1.99 -10.79
N SER C 184 2.56 -2.97 -10.90
CA SER C 184 1.22 -2.79 -10.39
C SER C 184 1.22 -2.74 -8.87
N VAL C 185 2.09 -3.52 -8.22
CA VAL C 185 2.18 -3.48 -6.76
C VAL C 185 2.71 -2.13 -6.30
N VAL C 186 3.73 -1.61 -6.98
CA VAL C 186 4.25 -0.29 -6.64
C VAL C 186 3.21 0.77 -6.91
N HIS C 187 2.46 0.63 -8.01
CA HIS C 187 1.46 1.64 -8.34
C HIS C 187 0.31 1.62 -7.33
N ALA C 188 -0.16 0.44 -6.95
CA ALA C 188 -1.26 0.36 -5.99
C ALA C 188 -0.87 0.94 -4.65
N THR C 189 0.37 0.66 -4.19
CA THR C 189 0.85 1.25 -2.94
C THR C 189 0.86 2.77 -3.02
N ALA C 190 1.33 3.33 -4.14
CA ALA C 190 1.33 4.78 -4.30
C ALA C 190 -0.08 5.34 -4.33
N LEU C 191 -1.03 4.56 -4.85
CA LEU C 191 -2.42 4.99 -4.88
C LEU C 191 -2.96 5.21 -3.47
N VAL C 192 -2.63 4.30 -2.55
CA VAL C 192 -3.13 4.38 -1.18
C VAL C 192 -2.31 5.36 -0.35
N SER C 193 -0.98 5.32 -0.48
CA SER C 193 -0.13 6.23 0.27
CA SER C 193 -0.13 6.23 0.27
C SER C 193 -0.38 7.68 -0.09
N ALA C 194 -0.92 7.95 -1.28
CA ALA C 194 -1.27 9.33 -1.64
C ALA C 194 -2.32 9.90 -0.70
N ALA C 195 -3.09 9.05 -0.04
CA ALA C 195 -4.05 9.49 0.96
C ALA C 195 -3.46 9.54 2.36
N GLY C 196 -2.16 9.27 2.50
CA GLY C 196 -1.48 9.35 3.78
C GLY C 196 -1.13 8.01 4.40
N VAL C 197 -1.61 6.90 3.84
CA VAL C 197 -1.40 5.59 4.42
C VAL C 197 0.08 5.20 4.32
N ASP C 198 0.59 4.57 5.38
CA ASP C 198 1.97 4.10 5.38
C ASP C 198 2.20 3.09 4.26
N GLU C 199 3.33 3.24 3.55
CA GLU C 199 3.72 2.23 2.58
C GLU C 199 3.85 0.86 3.25
N ALA C 200 4.43 0.83 4.47
CA ALA C 200 4.57 -0.43 5.19
C ALA C 200 3.22 -1.07 5.49
N ALA C 201 2.14 -0.29 5.51
CA ALA C 201 0.83 -0.83 5.82
C ALA C 201 0.20 -1.50 4.61
N PHE C 202 0.30 -0.89 3.43
CA PHE C 202 -0.42 -1.41 2.28
C PHE C 202 0.41 -2.28 1.34
N ALA C 203 1.71 -2.03 1.23
CA ALA C 203 2.54 -2.88 0.37
C ALA C 203 2.38 -4.38 0.66
N PRO C 204 2.33 -4.85 1.91
CA PRO C 204 2.05 -6.27 2.12
C PRO C 204 0.70 -6.72 1.57
N GLU C 205 -0.31 -5.83 1.58
CA GLU C 205 -1.61 -6.20 1.03
C GLU C 205 -1.58 -6.25 -0.49
N ALA C 206 -0.86 -5.33 -1.13
CA ALA C 206 -0.72 -5.41 -2.58
C ALA C 206 0.03 -6.68 -2.98
N ILE C 207 0.99 -7.09 -2.15
CA ILE C 207 1.68 -8.36 -2.37
C ILE C 207 0.71 -9.53 -2.23
N ARG C 208 -0.12 -9.51 -1.18
CA ARG C 208 -1.10 -10.58 -1.00
CA ARG C 208 -1.11 -10.57 -0.99
C ARG C 208 -2.05 -10.69 -2.19
N MET C 209 -2.35 -9.58 -2.85
CA MET C 209 -3.21 -9.65 -4.03
C MET C 209 -2.54 -10.37 -5.19
N VAL C 210 -1.21 -10.23 -5.34
CA VAL C 210 -0.51 -11.01 -6.35
C VAL C 210 -0.64 -12.50 -6.06
N ILE C 211 -0.42 -12.88 -4.80
CA ILE C 211 -0.53 -14.28 -4.39
C ILE C 211 -1.94 -14.80 -4.66
N GLU C 212 -2.95 -14.02 -4.28
CA GLU C 212 -4.34 -14.43 -4.52
C GLU C 212 -4.63 -14.53 -6.01
N THR C 213 -4.06 -13.63 -6.81
CA THR C 213 -4.25 -13.71 -8.26
C THR C 213 -3.65 -15.01 -8.80
N GLY C 214 -2.45 -15.38 -8.37
CA GLY C 214 -1.85 -16.63 -8.81
C GLY C 214 -2.65 -17.84 -8.38
N GLN C 215 -3.15 -17.83 -7.13
CA GLN C 215 -3.99 -18.93 -6.67
C GLN C 215 -5.27 -19.03 -7.51
N MET C 216 -5.86 -17.88 -7.83
CA MET C 216 -7.08 -17.87 -8.64
C MET C 216 -6.82 -18.40 -10.04
N LEU C 217 -5.66 -18.07 -10.62
CA LEU C 217 -5.33 -18.57 -11.95
C LEU C 217 -5.00 -20.05 -11.94
N ALA C 218 -4.38 -20.54 -10.87
CA ALA C 218 -4.07 -21.97 -10.79
C ALA C 218 -5.31 -22.81 -10.53
N ALA C 219 -6.34 -22.22 -9.90
CA ALA C 219 -7.58 -22.95 -9.66
C ALA C 219 -8.50 -22.89 -10.87
N GLU C 220 -8.49 -21.77 -11.61
CA GLU C 220 -9.34 -21.68 -12.79
CA GLU C 220 -9.28 -21.63 -12.83
C GLU C 220 -8.96 -22.70 -13.86
N ALA C 221 -7.78 -23.34 -13.74
CA ALA C 221 -7.40 -24.44 -14.60
C ALA C 221 -7.24 -25.69 -13.73
N GLU C 222 -8.33 -26.12 -13.11
CA GLU C 222 -8.32 -27.19 -12.11
C GLU C 222 -7.35 -26.85 -10.97
N GLU C 226 -9.70 -22.16 -17.56
CA GLU C 226 -10.54 -21.14 -18.17
C GLU C 226 -9.74 -20.19 -19.04
N LEU C 227 -8.60 -19.73 -18.51
CA LEU C 227 -7.77 -18.78 -19.26
C LEU C 227 -7.16 -19.44 -20.49
N ALA C 228 -6.40 -20.52 -20.28
CA ALA C 228 -5.77 -21.22 -21.40
C ALA C 228 -6.81 -21.73 -22.39
N ARG C 229 -7.99 -22.12 -21.91
CA ARG C 229 -9.05 -22.58 -22.80
C ARG C 229 -9.53 -21.44 -23.71
N ASN C 230 -9.77 -20.27 -23.12
CA ASN C 230 -10.28 -19.15 -23.90
C ASN C 230 -9.26 -18.63 -24.90
N LEU C 231 -7.99 -18.53 -24.48
CA LEU C 231 -6.97 -17.97 -25.36
C LEU C 231 -6.68 -18.89 -26.55
N ALA C 232 -6.78 -20.20 -26.36
CA ALA C 232 -6.51 -21.13 -27.46
C ALA C 232 -7.68 -21.23 -28.42
N SER C 233 -8.91 -21.31 -27.89
CA SER C 233 -10.08 -21.49 -28.74
C SER C 233 -10.55 -20.21 -29.40
N GLY C 234 -10.20 -19.05 -28.86
CA GLY C 234 -10.75 -17.80 -29.35
C GLY C 234 -12.16 -17.50 -28.87
N ASN C 235 -12.75 -18.37 -28.05
CA ASN C 235 -14.08 -18.15 -27.51
C ASN C 235 -13.95 -17.63 -26.08
N HIS C 236 -14.63 -16.52 -25.79
CA HIS C 236 -14.55 -15.85 -24.50
C HIS C 236 -15.94 -15.71 -23.89
N PRO C 237 -16.52 -16.81 -23.39
CA PRO C 237 -17.84 -16.72 -22.76
C PRO C 237 -17.77 -15.96 -21.45
N GLY C 238 -18.63 -14.96 -21.32
CA GLY C 238 -18.64 -14.11 -20.13
C GLY C 238 -19.25 -14.77 -18.92
N GLU C 239 -18.40 -15.37 -18.09
CA GLU C 239 -18.83 -16.07 -16.88
C GLU C 239 -19.37 -15.08 -15.86
N LEU C 240 -18.51 -14.61 -14.96
CA LEU C 240 -18.89 -13.62 -13.97
C LEU C 240 -18.04 -12.35 -14.05
N ALA C 241 -16.84 -12.42 -14.62
CA ALA C 241 -15.94 -11.29 -14.76
C ALA C 241 -15.95 -10.88 -16.22
N THR C 242 -16.88 -10.00 -16.57
CA THR C 242 -17.04 -9.56 -17.96
C THR C 242 -16.14 -8.36 -18.25
N ALA C 243 -15.87 -8.17 -19.54
CA ALA C 243 -15.00 -7.08 -19.97
C ALA C 243 -15.60 -5.71 -19.63
N VAL C 244 -16.92 -5.59 -19.65
CA VAL C 244 -17.54 -4.29 -19.41
C VAL C 244 -17.46 -3.90 -17.94
N MET C 245 -17.65 -4.86 -17.03
CA MET C 245 -17.62 -4.52 -15.61
C MET C 245 -16.19 -4.28 -15.13
N MET C 246 -15.22 -5.02 -15.64
CA MET C 246 -13.84 -4.78 -15.24
C MET C 246 -13.25 -3.57 -15.94
N GLY C 247 -13.71 -3.26 -17.15
CA GLY C 247 -13.38 -1.99 -17.76
C GLY C 247 -13.92 -0.81 -16.98
N ALA C 248 -15.09 -0.98 -16.35
CA ALA C 248 -15.60 0.06 -15.46
C ALA C 248 -14.69 0.23 -14.26
N THR C 249 -14.20 -0.88 -13.71
CA THR C 249 -13.24 -0.81 -12.61
C THR C 249 -11.96 -0.10 -13.05
N ALA C 250 -11.46 -0.42 -14.25
CA ALA C 250 -10.26 0.24 -14.75
C ALA C 250 -10.47 1.74 -14.90
N ASP C 251 -11.67 2.15 -15.33
CA ASP C 251 -11.98 3.57 -15.40
C ASP C 251 -11.90 4.22 -14.03
N HIS C 252 -12.42 3.56 -13.00
CA HIS C 252 -12.37 4.13 -11.66
C HIS C 252 -10.94 4.19 -11.12
N ILE C 253 -10.13 3.18 -11.45
CA ILE C 253 -8.73 3.20 -11.02
C ILE C 253 -8.01 4.41 -11.63
N VAL C 254 -8.27 4.67 -12.92
CA VAL C 254 -7.66 5.81 -13.60
C VAL C 254 -8.12 7.12 -12.96
N SER C 255 -9.42 7.25 -12.72
CA SER C 255 -9.94 8.48 -12.12
CA SER C 255 -9.94 8.48 -12.12
C SER C 255 -9.43 8.68 -10.70
N ALA C 256 -9.32 7.59 -9.94
CA ALA C 256 -8.78 7.68 -8.59
C ALA C 256 -7.31 8.10 -8.61
N ALA C 257 -6.54 7.53 -9.53
CA ALA C 257 -5.15 7.95 -9.67
C ALA C 257 -5.04 9.37 -10.20
N LYS C 258 -5.95 9.77 -11.09
CA LYS C 258 -5.92 11.12 -11.61
C LYS C 258 -6.19 12.15 -10.52
N GLY C 259 -7.16 11.88 -9.65
CA GLY C 259 -7.53 12.83 -8.62
C GLY C 259 -6.48 13.04 -7.55
N SER C 260 -5.58 12.08 -7.36
CA SER C 260 -4.59 12.15 -6.30
C SER C 260 -3.17 12.36 -6.83
N GLY C 261 -3.01 12.65 -8.12
CA GLY C 261 -1.70 12.95 -8.65
C GLY C 261 -0.75 11.76 -8.75
N VAL C 262 -1.28 10.55 -8.81
CA VAL C 262 -0.47 9.35 -9.01
C VAL C 262 -0.35 9.09 -10.50
N ASP C 263 0.84 8.65 -10.93
CA ASP C 263 1.12 8.51 -12.36
C ASP C 263 0.07 7.61 -13.04
N LEU C 264 -0.23 7.94 -14.29
CA LEU C 264 -1.39 7.38 -14.97
C LEU C 264 -1.05 6.41 -16.10
N VAL C 265 0.21 6.31 -16.53
CA VAL C 265 0.52 5.55 -17.73
CA VAL C 265 0.53 5.55 -17.73
C VAL C 265 0.13 4.09 -17.57
N LEU C 266 0.33 3.53 -16.38
CA LEU C 266 0.03 2.11 -16.20
C LEU C 266 -1.47 1.83 -16.15
N PRO C 267 -2.27 2.48 -15.30
CA PRO C 267 -3.71 2.20 -15.32
C PRO C 267 -4.38 2.62 -16.62
N GLU C 268 -3.87 3.66 -17.30
CA GLU C 268 -4.44 4.01 -18.59
C GLU C 268 -4.15 2.96 -19.64
N ALA C 269 -3.06 2.21 -19.50
CA ALA C 269 -2.80 1.08 -20.38
C ALA C 269 -3.86 -0.01 -20.18
N VAL C 270 -4.18 -0.32 -18.93
CA VAL C 270 -5.23 -1.30 -18.65
C VAL C 270 -6.58 -0.79 -19.15
N LYS C 271 -6.88 0.48 -18.91
CA LYS C 271 -8.11 1.07 -19.40
C LYS C 271 -8.17 1.02 -20.92
N SER C 272 -7.03 1.24 -21.59
CA SER C 272 -6.98 1.19 -23.04
C SER C 272 -7.34 -0.20 -23.56
N LEU C 273 -6.86 -1.24 -22.89
CA LEU C 273 -7.17 -2.60 -23.31
C LEU C 273 -8.67 -2.89 -23.19
N TYR C 274 -9.28 -2.49 -22.07
CA TYR C 274 -10.71 -2.74 -21.89
C TYR C 274 -11.56 -1.85 -22.77
N ASP C 275 -11.14 -0.59 -22.99
CA ASP C 275 -11.90 0.29 -23.87
C ASP C 275 -12.00 -0.29 -25.27
N ARG C 276 -10.89 -0.80 -25.81
CA ARG C 276 -10.92 -1.36 -27.15
C ARG C 276 -11.60 -2.72 -27.19
N THR C 277 -11.56 -3.47 -26.07
CA THR C 277 -12.27 -4.74 -26.02
C THR C 277 -13.78 -4.54 -26.06
N VAL C 278 -14.28 -3.57 -25.29
CA VAL C 278 -15.72 -3.28 -25.32
C VAL C 278 -16.11 -2.66 -26.65
N ALA C 279 -15.25 -1.77 -27.18
CA ALA C 279 -15.56 -1.12 -28.46
C ALA C 279 -15.62 -2.14 -29.60
N ALA C 280 -14.87 -3.23 -29.50
CA ALA C 280 -14.91 -4.29 -30.49
C ALA C 280 -16.14 -5.18 -30.36
N GLY C 281 -17.05 -4.87 -29.42
CA GLY C 281 -18.26 -5.64 -29.26
C GLY C 281 -18.17 -6.79 -28.30
N HIS C 282 -17.12 -6.87 -27.49
CA HIS C 282 -16.91 -7.98 -26.56
C HIS C 282 -17.20 -7.59 -25.12
N GLY C 283 -18.08 -6.61 -24.91
CA GLY C 283 -18.34 -6.14 -23.56
C GLY C 283 -18.95 -7.20 -22.66
N LYS C 284 -19.91 -7.96 -23.20
CA LYS C 284 -20.53 -9.03 -22.43
C LYS C 284 -19.68 -10.29 -22.36
N ASP C 285 -18.56 -10.34 -23.07
CA ASP C 285 -17.67 -11.48 -23.03
C ASP C 285 -16.78 -11.43 -21.80
N SER C 286 -16.06 -12.51 -21.57
CA SER C 286 -15.11 -12.55 -20.47
C SER C 286 -14.01 -11.53 -20.66
N TRP C 287 -13.36 -11.16 -19.54
CA TRP C 287 -12.22 -10.26 -19.59
C TRP C 287 -11.10 -10.79 -20.47
N THR C 288 -11.04 -12.11 -20.68
CA THR C 288 -10.00 -12.70 -21.53
C THR C 288 -10.13 -12.27 -22.99
N ALA C 289 -11.28 -11.71 -23.38
CA ALA C 289 -11.46 -11.25 -24.75
C ALA C 289 -10.51 -10.11 -25.13
N MET C 290 -9.82 -9.50 -24.16
CA MET C 290 -8.78 -8.54 -24.51
C MET C 290 -7.63 -9.20 -25.27
N TYR C 291 -7.55 -10.54 -25.20
CA TYR C 291 -6.55 -11.25 -26.01
C TYR C 291 -6.75 -10.96 -27.50
N GLU C 292 -8.01 -10.86 -27.94
CA GLU C 292 -8.27 -10.57 -29.34
C GLU C 292 -7.75 -9.21 -29.75
N ILE C 293 -7.71 -8.26 -28.81
CA ILE C 293 -7.13 -6.95 -29.10
C ILE C 293 -5.60 -7.02 -29.06
N ILE C 294 -5.04 -7.83 -28.16
CA ILE C 294 -3.60 -7.84 -27.97
C ILE C 294 -2.91 -8.68 -29.05
N LYS C 295 -3.49 -9.80 -29.44
CA LYS C 295 -2.79 -10.78 -30.25
C LYS C 295 -2.41 -10.22 -31.62
N LYS C 296 -1.42 -10.86 -32.22
CA LYS C 296 -1.00 -10.54 -33.58
C LYS C 296 -2.17 -10.72 -34.53
N LYS C 297 -2.36 -9.74 -35.43
CA LYS C 297 -3.54 -9.76 -36.30
C LYS C 297 -3.52 -10.99 -37.19
N ALA C 298 -4.58 -11.78 -37.11
CA ALA C 298 -4.67 -13.03 -37.85
C ALA C 298 -4.96 -12.79 -39.33
#